data_9UE6
#
_entry.id   9UE6
#
_cell.length_a   1.00
_cell.length_b   1.00
_cell.length_c   1.00
_cell.angle_alpha   90.00
_cell.angle_beta   90.00
_cell.angle_gamma   90.00
#
_symmetry.space_group_name_H-M   'P 1'
#
loop_
_entity.id
_entity.type
_entity.pdbx_description
1 polymer 'Spike protein S1'
2 polymer 'Angiotensin-converting enzyme 2'
#
loop_
_entity_poly.entity_id
_entity_poly.type
_entity_poly.pdbx_seq_one_letter_code
_entity_poly.pdbx_strand_id
1 'polypeptide(L)'
;TNLCPFHEVFNATTFASVYAWNRTRISNCVADYSVLYNFAPFFAFKCYGVSPTKLNDLCFTNVYADSFVIKGNEVSQIAP
GQTGNIADYNYKLPDDFTGCVIAWNSNKLDSKHSGNYDYWYRSLRKSKLKPFERDISTEIYQAGNKPCKGKGPNCYFPLQ
SYGFRPTYGVGHQPYRVVVLSFELLHAPATVCGPK
;
A
2 'polypeptide(L)'
;MSSSSWLLLSLVAVTAAQSTIEEQAKTFLDKFNHEAEDLFYQSSLASWNYNTNITEENVQNMNNAGDKWSAFLKEQSTLA
QMYPLQEIQNLTVKLQLQALQQNGSSVLSEDKSKRLNTILNTMSTIYSTGKVCNPDNPQECLLLEPGLNEIMANSLDYNE
RLWAWESWRSEVGKQLRPLYEEYVVLKNEMARANHYEDYGDYWRGDYEVNGVDGYDYSRGQLIEDVEHTFEEIKPLYEHL
HAYVRAKLMNAYPSYISPIGCLPAHLLGDMWGRFWTNLYSLTVPFGQKPNIDVTDAMVDQAWDAQRIFKEAEKFFVSVGL
PNMTQGFWENSMLTDPGNVQKAVCHPTAWDLGKGDFRILMCTKVTMDDFLTAHHEMGHIQYDMAYAAQPFLLRNGANEGF
HEAVGEIMSLSAATPKHLKSIGLLSPDFQEDNETEINFLLKQALTIVGTLPFTYMLEKWRWMVFKGEIPKDQWMKKWWEM
KREIVGVVEPVPHDETYCDPASLFHVSNDYSFIRYYTRTLYQFQFQEALCQAAKHEGPLHKCDISNSTEAGQKLFNMLRL
GKSEPWTLALENVVGAKNMNVRPLLNYFEPLFTWLKDQNKNSFVGWSTDWSPYADLEVLFQGPHHHHHHHH
;
B
#
# COMPACT_ATOMS: atom_id res chain seq x y z
N THR A 1 -57.89 16.20 13.47
CA THR A 1 -56.49 15.95 13.12
C THR A 1 -56.09 14.52 13.46
N ASN A 2 -55.65 13.77 12.44
CA ASN A 2 -55.24 12.38 12.62
C ASN A 2 -53.86 12.22 11.97
N LEU A 3 -52.83 12.21 12.80
CA LEU A 3 -51.46 12.13 12.29
C LEU A 3 -51.18 10.74 11.72
N CYS A 4 -50.39 10.71 10.65
CA CYS A 4 -50.08 9.45 9.99
C CYS A 4 -49.04 8.68 10.79
N PRO A 5 -48.90 7.37 10.53
CA PRO A 5 -47.93 6.56 11.29
C PRO A 5 -46.49 6.78 10.88
N PHE A 6 -46.20 7.89 10.19
CA PHE A 6 -44.82 8.19 9.76
C PHE A 6 -43.83 8.05 10.90
N HIS A 7 -44.25 8.36 12.13
CA HIS A 7 -43.37 8.20 13.28
C HIS A 7 -43.00 6.73 13.49
N GLU A 8 -43.93 5.82 13.24
CA GLU A 8 -43.65 4.40 13.41
C GLU A 8 -42.72 3.87 12.33
N VAL A 9 -42.68 4.53 11.18
CA VAL A 9 -41.83 4.06 10.08
C VAL A 9 -40.41 4.62 10.23
N PHE A 10 -40.30 5.92 10.51
CA PHE A 10 -38.98 6.55 10.59
C PHE A 10 -38.28 6.26 11.91
N ASN A 11 -39.01 6.21 13.02
CA ASN A 11 -38.42 5.98 14.33
C ASN A 11 -38.54 4.53 14.79
N ALA A 12 -38.58 3.59 13.85
CA ALA A 12 -38.66 2.19 14.22
C ALA A 12 -37.35 1.71 14.82
N THR A 13 -37.43 0.72 15.70
CA THR A 13 -36.23 0.19 16.36
C THR A 13 -35.36 -0.55 15.36
N THR A 14 -35.90 -1.59 14.72
CA THR A 14 -35.18 -2.36 13.72
C THR A 14 -35.87 -2.20 12.37
N PHE A 15 -35.07 -2.11 11.32
CA PHE A 15 -35.56 -2.00 9.95
C PHE A 15 -35.44 -3.34 9.24
N ALA A 16 -36.07 -3.42 8.08
CA ALA A 16 -36.04 -4.66 7.30
C ALA A 16 -34.88 -4.64 6.31
N SER A 17 -34.53 -5.82 5.81
CA SER A 17 -33.49 -5.92 4.80
C SER A 17 -34.01 -5.43 3.45
N VAL A 18 -33.08 -5.15 2.54
CA VAL A 18 -33.47 -4.63 1.23
C VAL A 18 -34.14 -5.69 0.38
N TYR A 19 -33.86 -6.98 0.61
CA TYR A 19 -34.55 -8.03 -0.11
C TYR A 19 -35.90 -8.38 0.50
N ALA A 20 -36.19 -7.86 1.69
CA ALA A 20 -37.47 -8.07 2.37
C ALA A 20 -38.00 -6.75 2.90
N TRP A 21 -37.98 -5.71 2.06
CA TRP A 21 -38.38 -4.38 2.48
C TRP A 21 -39.85 -4.35 2.89
N ASN A 22 -40.11 -3.80 4.07
CA ASN A 22 -41.47 -3.72 4.60
C ASN A 22 -42.18 -2.53 3.98
N ARG A 23 -43.25 -2.82 3.24
CA ARG A 23 -44.10 -1.76 2.68
C ARG A 23 -45.26 -1.48 3.63
N THR A 24 -45.33 -0.26 4.13
CA THR A 24 -46.41 0.16 5.02
C THR A 24 -47.38 1.04 4.26
N ARG A 25 -48.68 0.80 4.45
CA ARG A 25 -49.73 1.53 3.77
C ARG A 25 -50.19 2.69 4.64
N ILE A 26 -50.10 3.90 4.12
CA ILE A 26 -50.52 5.12 4.81
C ILE A 26 -51.81 5.60 4.16
N SER A 27 -52.88 5.61 4.94
CA SER A 27 -54.19 6.02 4.44
C SER A 27 -55.04 6.49 5.60
N ASN A 28 -55.99 7.38 5.29
CA ASN A 28 -56.94 7.92 6.26
C ASN A 28 -56.23 8.62 7.41
N CYS A 29 -55.38 9.58 7.07
CA CYS A 29 -54.65 10.34 8.07
C CYS A 29 -54.15 11.63 7.43
N VAL A 30 -53.65 12.53 8.29
CA VAL A 30 -53.09 13.80 7.85
C VAL A 30 -51.58 13.64 7.76
N ALA A 31 -51.04 13.78 6.55
CA ALA A 31 -49.62 13.56 6.30
C ALA A 31 -48.86 14.85 6.60
N ASP A 32 -48.33 14.95 7.81
CA ASP A 32 -47.52 16.10 8.23
C ASP A 32 -46.08 15.81 7.84
N TYR A 33 -45.71 16.26 6.63
CA TYR A 33 -44.36 16.01 6.12
C TYR A 33 -43.31 16.87 6.80
N SER A 34 -43.70 17.88 7.58
CA SER A 34 -42.75 18.70 8.31
C SER A 34 -42.13 17.96 9.49
N VAL A 35 -42.81 16.92 10.00
CA VAL A 35 -42.24 16.13 11.09
C VAL A 35 -41.08 15.28 10.61
N LEU A 36 -41.00 15.01 9.31
CA LEU A 36 -39.88 14.21 8.79
C LEU A 36 -38.55 14.92 9.00
N TYR A 37 -38.57 16.25 9.04
CA TYR A 37 -37.33 17.02 9.21
C TYR A 37 -36.78 16.92 10.63
N ASN A 38 -37.47 16.24 11.54
CA ASN A 38 -36.95 16.05 12.88
C ASN A 38 -35.62 15.31 12.89
N PHE A 39 -35.39 14.44 11.92
CA PHE A 39 -34.10 13.78 11.76
C PHE A 39 -33.19 14.66 10.90
N ALA A 40 -32.60 15.68 11.52
CA ALA A 40 -31.80 16.65 10.78
C ALA A 40 -30.65 16.04 9.99
N PRO A 41 -29.85 15.09 10.53
CA PRO A 41 -28.75 14.53 9.71
C PRO A 41 -29.26 13.66 8.56
N PHE A 42 -29.87 14.30 7.57
CA PHE A 42 -30.34 13.59 6.38
C PHE A 42 -29.24 13.57 5.34
N PHE A 43 -28.85 12.36 4.92
CA PHE A 43 -27.81 12.24 3.90
C PHE A 43 -28.32 12.66 2.52
N ALA A 44 -29.60 12.42 2.24
CA ALA A 44 -30.17 12.77 0.95
C ALA A 44 -31.66 12.98 1.09
N PHE A 45 -32.18 14.02 0.42
CA PHE A 45 -33.61 14.30 0.36
C PHE A 45 -33.91 14.71 -1.07
N LYS A 46 -34.21 13.71 -1.91
CA LYS A 46 -34.42 13.90 -3.33
C LYS A 46 -35.79 13.35 -3.71
N CYS A 47 -36.68 14.23 -4.17
CA CYS A 47 -38.01 13.84 -4.59
C CYS A 47 -38.08 13.77 -6.11
N TYR A 48 -38.80 12.78 -6.62
CA TYR A 48 -38.96 12.58 -8.05
C TYR A 48 -40.43 12.73 -8.41
N GLY A 49 -40.70 13.54 -9.44
CA GLY A 49 -42.06 13.76 -9.88
C GLY A 49 -42.92 14.60 -8.96
N VAL A 50 -42.37 15.11 -7.86
CA VAL A 50 -43.11 15.93 -6.92
C VAL A 50 -42.12 16.85 -6.21
N SER A 51 -42.63 17.97 -5.69
CA SER A 51 -41.80 18.92 -4.99
C SER A 51 -41.99 18.79 -3.48
N PRO A 52 -40.91 18.90 -2.69
CA PRO A 52 -41.07 18.77 -1.24
C PRO A 52 -41.88 19.91 -0.62
N THR A 53 -41.80 21.11 -1.18
CA THR A 53 -42.59 22.23 -0.66
C THR A 53 -44.06 22.09 -1.03
N LYS A 54 -44.34 21.67 -2.26
CA LYS A 54 -45.71 21.47 -2.70
C LYS A 54 -46.28 20.13 -2.26
N LEU A 55 -45.55 19.37 -1.43
CA LEU A 55 -46.03 18.06 -1.02
C LEU A 55 -47.16 18.17 0.00
N ASN A 56 -47.19 19.24 0.79
CA ASN A 56 -48.25 19.43 1.77
C ASN A 56 -49.54 19.94 1.16
N ASP A 57 -49.52 20.32 -0.12
CA ASP A 57 -50.74 20.83 -0.76
C ASP A 57 -51.50 19.72 -1.48
N LEU A 58 -50.80 18.79 -2.09
CA LEU A 58 -51.43 17.74 -2.87
C LEU A 58 -52.04 16.67 -1.97
N CYS A 59 -53.16 16.12 -2.43
CA CYS A 59 -53.84 15.02 -1.75
C CYS A 59 -53.62 13.73 -2.54
N PHE A 60 -53.43 12.63 -1.83
CA PHE A 60 -53.20 11.33 -2.45
C PHE A 60 -54.12 10.29 -1.82
N THR A 61 -54.34 9.21 -2.57
CA THR A 61 -55.20 8.14 -2.07
C THR A 61 -54.45 7.24 -1.10
N ASN A 62 -53.38 6.59 -1.57
CA ASN A 62 -52.54 5.74 -0.74
C ASN A 62 -51.09 6.21 -0.83
N VAL A 63 -50.41 6.18 0.31
CA VAL A 63 -48.99 6.52 0.39
C VAL A 63 -48.25 5.27 0.87
N TYR A 64 -47.36 4.76 0.03
CA TYR A 64 -46.57 3.58 0.36
C TYR A 64 -45.20 4.00 0.84
N ALA A 65 -44.84 3.56 2.05
CA ALA A 65 -43.54 3.85 2.64
C ALA A 65 -42.73 2.56 2.67
N ASP A 66 -41.70 2.49 1.84
CA ASP A 66 -40.82 1.34 1.77
C ASP A 66 -39.54 1.64 2.53
N SER A 67 -39.30 0.89 3.60
CA SER A 67 -38.16 1.12 4.49
C SER A 67 -37.22 -0.07 4.44
N PHE A 68 -35.92 0.22 4.35
CA PHE A 68 -34.89 -0.81 4.34
C PHE A 68 -33.57 -0.17 4.71
N VAL A 69 -32.54 -1.01 4.84
CA VAL A 69 -31.19 -0.58 5.22
C VAL A 69 -30.22 -1.04 4.14
N ILE A 70 -29.44 -0.10 3.61
CA ILE A 70 -28.38 -0.38 2.65
C ILE A 70 -27.13 0.37 3.08
N LYS A 71 -26.09 0.24 2.27
CA LYS A 71 -24.83 0.94 2.54
C LYS A 71 -24.82 2.30 1.84
N GLY A 72 -23.81 3.10 2.16
CA GLY A 72 -23.74 4.46 1.64
C GLY A 72 -23.57 4.52 0.14
N ASN A 73 -22.79 3.60 -0.43
CA ASN A 73 -22.56 3.61 -1.87
C ASN A 73 -23.82 3.25 -2.65
N GLU A 74 -24.66 2.40 -2.07
CA GLU A 74 -25.86 1.93 -2.74
C GLU A 74 -27.04 2.89 -2.61
N VAL A 75 -26.88 4.01 -1.91
CA VAL A 75 -27.95 5.00 -1.83
C VAL A 75 -28.22 5.61 -3.20
N SER A 76 -27.19 5.72 -4.03
CA SER A 76 -27.38 6.29 -5.36
C SER A 76 -28.20 5.38 -6.25
N GLN A 77 -28.21 4.07 -5.96
CA GLN A 77 -28.99 3.13 -6.75
C GLN A 77 -30.49 3.24 -6.50
N ILE A 78 -30.91 3.96 -5.47
CA ILE A 78 -32.32 4.17 -5.21
C ILE A 78 -32.77 5.40 -5.99
N ALA A 79 -33.07 5.22 -7.27
CA ALA A 79 -33.47 6.29 -8.16
C ALA A 79 -33.95 5.67 -9.46
N PRO A 80 -34.84 6.35 -10.18
CA PRO A 80 -35.32 5.80 -11.46
C PRO A 80 -34.20 5.67 -12.48
N GLY A 81 -34.07 4.47 -13.05
CA GLY A 81 -33.10 4.23 -14.10
C GLY A 81 -31.72 3.84 -13.64
N GLN A 82 -31.56 3.44 -12.38
CA GLN A 82 -30.25 3.06 -11.89
C GLN A 82 -30.01 1.57 -12.07
N THR A 83 -28.73 1.19 -12.17
CA THR A 83 -28.31 -0.18 -12.35
C THR A 83 -27.37 -0.59 -11.23
N GLY A 84 -27.56 -1.79 -10.72
CA GLY A 84 -26.74 -2.33 -9.65
C GLY A 84 -27.39 -3.54 -9.00
N ASN A 85 -26.69 -4.04 -7.98
CA ASN A 85 -27.19 -5.22 -7.27
C ASN A 85 -28.50 -4.93 -6.56
N ILE A 86 -28.65 -3.73 -6.02
CA ILE A 86 -29.87 -3.37 -5.30
C ILE A 86 -30.95 -2.92 -6.27
N ALA A 87 -30.56 -2.17 -7.30
CA ALA A 87 -31.55 -1.62 -8.23
C ALA A 87 -32.06 -2.68 -9.20
N ASP A 88 -31.43 -3.85 -9.26
CA ASP A 88 -31.88 -4.88 -10.20
C ASP A 88 -32.40 -6.10 -9.46
N TYR A 89 -31.74 -6.51 -8.37
CA TYR A 89 -32.06 -7.75 -7.69
C TYR A 89 -32.72 -7.57 -6.34
N ASN A 90 -32.74 -6.35 -5.78
CA ASN A 90 -33.30 -6.12 -4.46
C ASN A 90 -34.50 -5.19 -4.49
N TYR A 91 -34.37 -4.00 -5.07
CA TYR A 91 -35.44 -3.01 -5.03
C TYR A 91 -35.28 -2.08 -6.22
N LYS A 92 -36.23 -2.11 -7.15
CA LYS A 92 -36.16 -1.34 -8.38
C LYS A 92 -37.29 -0.33 -8.42
N LEU A 93 -36.96 0.92 -8.74
CA LEU A 93 -37.97 1.95 -8.93
C LEU A 93 -38.27 2.11 -10.42
N PRO A 94 -39.53 2.36 -10.78
CA PRO A 94 -39.87 2.51 -12.20
C PRO A 94 -39.30 3.80 -12.78
N ASP A 95 -39.35 3.88 -14.11
CA ASP A 95 -38.85 5.06 -14.80
C ASP A 95 -39.73 6.29 -14.57
N ASP A 96 -40.98 6.10 -14.15
CA ASP A 96 -41.89 7.21 -13.87
C ASP A 96 -42.27 7.27 -12.39
N PHE A 97 -41.30 7.08 -11.49
CA PHE A 97 -41.59 7.06 -10.06
C PHE A 97 -41.96 8.45 -9.57
N THR A 98 -43.12 8.53 -8.91
CA THR A 98 -43.61 9.77 -8.34
C THR A 98 -43.52 9.64 -6.81
N GLY A 99 -42.51 10.26 -6.23
CA GLY A 99 -42.31 10.18 -4.80
C GLY A 99 -41.00 10.81 -4.39
N CYS A 100 -40.62 10.54 -3.15
CA CYS A 100 -39.39 11.09 -2.58
C CYS A 100 -38.62 9.98 -1.89
N VAL A 101 -37.29 10.08 -1.93
CA VAL A 101 -36.39 9.13 -1.28
C VAL A 101 -35.70 9.85 -0.13
N ILE A 102 -35.77 9.26 1.06
CA ILE A 102 -35.19 9.83 2.27
C ILE A 102 -34.20 8.82 2.84
N ALA A 103 -32.98 9.29 3.13
CA ALA A 103 -31.94 8.44 3.68
C ALA A 103 -31.14 9.22 4.73
N TRP A 104 -30.68 8.50 5.75
CA TRP A 104 -29.86 9.10 6.79
C TRP A 104 -28.89 8.06 7.33
N ASN A 105 -27.75 8.53 7.83
CA ASN A 105 -26.72 7.64 8.34
C ASN A 105 -27.14 7.05 9.67
N SER A 106 -27.09 5.72 9.78
CA SER A 106 -27.47 5.01 10.99
C SER A 106 -26.30 4.24 11.58
N ASN A 107 -25.12 4.86 11.63
CA ASN A 107 -23.94 4.20 12.17
C ASN A 107 -24.07 4.00 13.68
N LYS A 108 -25.00 4.71 14.32
CA LYS A 108 -25.16 4.59 15.77
C LYS A 108 -26.08 3.44 16.13
N LEU A 109 -27.09 3.19 15.30
CA LEU A 109 -28.10 2.18 15.61
C LEU A 109 -27.82 0.84 14.94
N ASP A 110 -27.63 0.85 13.62
CA ASP A 110 -27.49 -0.39 12.87
C ASP A 110 -26.11 -1.01 12.96
N SER A 111 -25.08 -0.21 13.22
CA SER A 111 -23.72 -0.73 13.32
C SER A 111 -23.53 -1.45 14.65
N LYS A 112 -22.54 -2.35 14.68
CA LYS A 112 -22.26 -3.16 15.85
C LYS A 112 -20.85 -3.73 15.73
N HIS A 113 -20.17 -3.85 16.86
CA HIS A 113 -18.88 -4.52 16.88
C HIS A 113 -19.05 -5.99 16.53
N SER A 114 -17.97 -6.59 16.01
CA SER A 114 -17.95 -7.98 15.57
C SER A 114 -18.96 -8.22 14.44
N GLY A 115 -19.42 -7.16 13.81
CA GLY A 115 -20.27 -7.29 12.64
C GLY A 115 -21.75 -7.40 12.94
N ASN A 116 -22.55 -6.55 12.30
CA ASN A 116 -24.02 -6.64 12.39
C ASN A 116 -24.52 -7.39 11.17
N TYR A 117 -24.58 -8.71 11.29
CA TYR A 117 -24.98 -9.57 10.17
C TYR A 117 -26.48 -9.80 10.09
N ASP A 118 -27.29 -8.93 10.66
CA ASP A 118 -28.73 -9.08 10.63
C ASP A 118 -29.37 -8.46 9.39
N TYR A 119 -28.59 -7.79 8.54
CA TYR A 119 -29.08 -7.19 7.31
C TYR A 119 -28.49 -7.93 6.12
N TRP A 120 -29.34 -8.24 5.15
CA TRP A 120 -28.95 -9.04 4.00
C TRP A 120 -29.39 -8.35 2.71
N TYR A 121 -28.72 -8.68 1.61
CA TYR A 121 -29.09 -8.19 0.30
C TYR A 121 -28.90 -9.31 -0.72
N ARG A 122 -29.70 -9.26 -1.78
CA ARG A 122 -29.68 -10.29 -2.82
C ARG A 122 -28.69 -9.89 -3.90
N SER A 123 -27.65 -10.71 -4.08
CA SER A 123 -26.63 -10.43 -5.08
C SER A 123 -26.83 -11.22 -6.37
N LEU A 124 -27.47 -12.38 -6.29
CA LEU A 124 -27.66 -13.25 -7.43
C LEU A 124 -29.14 -13.49 -7.67
N ARG A 125 -29.55 -13.44 -8.93
CA ARG A 125 -30.92 -13.72 -9.32
C ARG A 125 -30.94 -14.10 -10.80
N LYS A 126 -31.97 -14.86 -11.19
CA LYS A 126 -32.07 -15.30 -12.57
C LYS A 126 -32.33 -14.14 -13.52
N SER A 127 -33.09 -13.14 -13.07
CA SER A 127 -33.40 -11.99 -13.91
C SER A 127 -33.64 -10.78 -13.01
N LYS A 128 -33.61 -9.61 -13.62
CA LYS A 128 -33.80 -8.37 -12.88
C LYS A 128 -35.24 -8.25 -12.40
N LEU A 129 -35.40 -7.67 -11.21
CA LEU A 129 -36.73 -7.50 -10.64
C LEU A 129 -37.53 -6.47 -11.43
N LYS A 130 -38.84 -6.66 -11.44
CA LYS A 130 -39.75 -5.66 -11.98
C LYS A 130 -39.92 -4.53 -10.98
N PRO A 131 -40.39 -3.36 -11.42
CA PRO A 131 -40.59 -2.25 -10.48
C PRO A 131 -41.50 -2.64 -9.33
N PHE A 132 -41.05 -2.33 -8.12
CA PHE A 132 -41.77 -2.63 -6.87
C PHE A 132 -42.03 -4.13 -6.69
N GLU A 133 -41.11 -4.97 -7.14
CA GLU A 133 -41.24 -6.41 -6.93
C GLU A 133 -40.42 -6.84 -5.73
N ARG A 134 -40.93 -7.81 -4.98
CA ARG A 134 -40.28 -8.33 -3.79
C ARG A 134 -40.06 -9.82 -3.94
N ASP A 135 -38.82 -10.25 -3.67
CA ASP A 135 -38.42 -11.66 -3.79
C ASP A 135 -37.71 -12.06 -2.50
N ILE A 136 -38.33 -12.96 -1.73
CA ILE A 136 -37.76 -13.41 -0.47
C ILE A 136 -37.35 -14.87 -0.59
N SER A 137 -37.14 -15.33 -1.82
CA SER A 137 -36.78 -16.72 -2.05
C SER A 137 -35.32 -16.96 -1.64
N THR A 138 -35.08 -18.09 -0.97
CA THR A 138 -33.74 -18.48 -0.56
C THR A 138 -33.22 -19.69 -1.36
N GLU A 139 -33.70 -19.87 -2.59
CA GLU A 139 -33.25 -20.98 -3.41
C GLU A 139 -31.83 -20.73 -3.90
N ILE A 140 -30.98 -21.76 -3.81
CA ILE A 140 -29.58 -21.62 -4.18
C ILE A 140 -29.47 -21.32 -5.67
N TYR A 141 -28.72 -20.27 -6.00
CA TYR A 141 -28.57 -19.84 -7.39
C TYR A 141 -27.69 -20.83 -8.15
N GLN A 142 -28.19 -21.32 -9.29
CA GLN A 142 -27.44 -22.25 -10.13
C GLN A 142 -26.67 -21.44 -11.15
N ALA A 143 -25.36 -21.26 -10.91
CA ALA A 143 -24.53 -20.51 -11.85
C ALA A 143 -23.96 -21.39 -12.95
N GLY A 144 -23.82 -22.70 -12.68
CA GLY A 144 -23.27 -23.62 -13.65
C GLY A 144 -24.32 -24.39 -14.42
N ASN A 145 -23.88 -25.44 -15.09
CA ASN A 145 -24.77 -26.27 -15.89
C ASN A 145 -25.26 -27.50 -15.14
N LYS A 146 -24.51 -27.98 -14.15
CA LYS A 146 -24.93 -29.14 -13.39
C LYS A 146 -26.15 -28.79 -12.55
N PRO A 147 -26.99 -29.77 -12.18
CA PRO A 147 -28.14 -29.48 -11.33
C PRO A 147 -27.75 -28.87 -9.99
N CYS A 148 -28.69 -28.18 -9.35
CA CYS A 148 -28.43 -27.46 -8.10
C CYS A 148 -28.91 -28.29 -6.92
N LYS A 149 -27.98 -28.70 -6.06
CA LYS A 149 -28.31 -29.44 -4.86
C LYS A 149 -27.20 -29.22 -3.83
N GLY A 150 -27.50 -28.46 -2.78
CA GLY A 150 -26.51 -28.15 -1.78
C GLY A 150 -25.48 -27.13 -2.21
N LYS A 151 -24.89 -26.42 -1.26
CA LYS A 151 -23.89 -25.41 -1.59
C LYS A 151 -22.59 -26.08 -2.02
N GLY A 152 -21.92 -25.46 -2.99
CA GLY A 152 -20.67 -25.98 -3.50
C GLY A 152 -20.24 -25.27 -4.76
N PRO A 153 -19.59 -26.00 -5.67
CA PRO A 153 -19.16 -25.39 -6.94
C PRO A 153 -20.32 -24.89 -7.77
N ASN A 154 -20.29 -23.60 -8.11
CA ASN A 154 -21.29 -22.92 -8.94
C ASN A 154 -22.67 -22.91 -8.31
N CYS A 155 -22.79 -23.27 -7.03
CA CYS A 155 -24.05 -23.25 -6.31
C CYS A 155 -23.89 -22.30 -5.12
N TYR A 156 -24.33 -21.07 -5.29
CA TYR A 156 -24.13 -20.01 -4.30
C TYR A 156 -25.47 -19.59 -3.71
N PHE A 157 -25.47 -19.25 -2.43
CA PHE A 157 -26.65 -18.73 -1.77
C PHE A 157 -26.94 -17.32 -2.27
N PRO A 158 -28.17 -17.01 -2.68
CA PRO A 158 -28.45 -15.73 -3.33
C PRO A 158 -28.39 -14.51 -2.40
N LEU A 159 -28.27 -14.71 -1.08
CA LEU A 159 -28.26 -13.61 -0.13
C LEU A 159 -26.87 -13.43 0.45
N GLN A 160 -26.49 -12.17 0.64
CA GLN A 160 -25.20 -11.82 1.24
C GLN A 160 -25.42 -10.83 2.37
N SER A 161 -24.60 -10.96 3.41
CA SER A 161 -24.74 -10.18 4.64
C SER A 161 -23.82 -8.96 4.59
N TYR A 162 -24.32 -7.84 5.11
CA TYR A 162 -23.51 -6.62 5.15
C TYR A 162 -22.45 -6.69 6.23
N GLY A 163 -22.83 -7.01 7.46
CA GLY A 163 -21.90 -7.01 8.57
C GLY A 163 -21.40 -5.63 8.96
N PHE A 164 -22.32 -4.73 9.30
CA PHE A 164 -21.97 -3.35 9.59
C PHE A 164 -21.15 -3.25 10.86
N ARG A 165 -20.10 -2.41 10.82
CA ARG A 165 -19.27 -2.11 11.96
C ARG A 165 -19.13 -0.61 12.12
N PRO A 166 -18.99 -0.10 13.35
CA PRO A 166 -18.95 1.36 13.53
C PRO A 166 -17.71 2.01 12.94
N THR A 167 -16.61 1.27 12.77
CA THR A 167 -15.39 1.84 12.24
C THR A 167 -15.32 1.80 10.72
N TYR A 168 -16.41 1.45 10.04
CA TYR A 168 -16.41 1.43 8.59
C TYR A 168 -16.33 2.85 8.03
N GLY A 169 -16.06 2.92 6.72
CA GLY A 169 -16.07 4.21 6.05
C GLY A 169 -17.47 4.72 5.79
N VAL A 170 -17.54 6.00 5.42
CA VAL A 170 -18.84 6.65 5.19
C VAL A 170 -19.59 5.96 4.07
N GLY A 171 -18.87 5.40 3.09
CA GLY A 171 -19.53 4.70 2.00
C GLY A 171 -20.03 3.32 2.35
N HIS A 172 -19.48 2.72 3.41
CA HIS A 172 -19.88 1.37 3.82
C HIS A 172 -20.70 1.36 5.11
N GLN A 173 -20.98 2.52 5.70
CA GLN A 173 -21.82 2.57 6.89
C GLN A 173 -23.28 2.31 6.53
N PRO A 174 -24.08 1.84 7.48
CA PRO A 174 -25.50 1.57 7.19
C PRO A 174 -26.29 2.86 7.05
N TYR A 175 -27.17 2.89 6.05
CA TYR A 175 -28.04 4.02 5.79
C TYR A 175 -29.48 3.53 5.70
N ARG A 176 -30.34 4.04 6.57
CA ARG A 176 -31.75 3.69 6.54
C ARG A 176 -32.45 4.53 5.47
N VAL A 177 -33.10 3.86 4.52
CA VAL A 177 -33.73 4.52 3.38
C VAL A 177 -35.23 4.30 3.47
N VAL A 178 -36.00 5.38 3.35
CA VAL A 178 -37.45 5.33 3.34
C VAL A 178 -37.93 5.90 2.01
N VAL A 179 -38.65 5.10 1.25
CA VAL A 179 -39.15 5.48 -0.06
C VAL A 179 -40.65 5.72 0.05
N LEU A 180 -41.06 6.97 -0.17
CA LEU A 180 -42.45 7.38 -0.07
C LEU A 180 -43.06 7.41 -1.47
N SER A 181 -43.96 6.48 -1.74
CA SER A 181 -44.64 6.40 -3.03
C SER A 181 -46.04 7.00 -2.90
N PHE A 182 -46.32 8.02 -3.72
CA PHE A 182 -47.60 8.70 -3.69
C PHE A 182 -48.44 8.23 -4.88
N GLU A 183 -49.53 7.53 -4.58
CA GLU A 183 -50.41 6.96 -5.60
C GLU A 183 -51.70 7.77 -5.65
N LEU A 184 -52.10 8.15 -6.86
CA LEU A 184 -53.36 8.87 -7.10
C LEU A 184 -54.24 7.98 -7.97
N LEU A 185 -55.00 7.10 -7.31
CA LEU A 185 -55.84 6.14 -8.00
C LEU A 185 -57.28 6.66 -8.09
N HIS A 186 -58.14 5.91 -8.76
CA HIS A 186 -59.54 6.29 -8.90
C HIS A 186 -60.29 6.03 -7.60
N ALA A 187 -59.99 6.81 -6.57
CA ALA A 187 -60.60 6.66 -5.26
C ALA A 187 -60.51 7.99 -4.54
N PRO A 188 -61.35 8.21 -3.53
CA PRO A 188 -61.28 9.46 -2.76
C PRO A 188 -59.91 9.63 -2.12
N ALA A 189 -59.41 10.87 -2.14
CA ALA A 189 -58.09 11.19 -1.60
C ALA A 189 -58.19 11.23 -0.08
N THR A 190 -57.75 10.13 0.55
CA THR A 190 -57.82 10.02 2.00
C THR A 190 -56.63 10.68 2.67
N VAL A 191 -55.50 10.80 1.99
CA VAL A 191 -54.28 11.38 2.53
C VAL A 191 -54.14 12.80 2.00
N CYS A 192 -54.02 13.77 2.91
CA CYS A 192 -53.80 15.16 2.54
C CYS A 192 -52.85 15.79 3.54
N GLY A 193 -52.24 16.89 3.13
CA GLY A 193 -51.33 17.63 4.00
C GLY A 193 -52.09 18.43 5.03
N PRO A 194 -51.38 18.91 6.06
CA PRO A 194 -52.04 19.69 7.11
C PRO A 194 -52.46 21.06 6.59
N LYS A 195 -53.64 21.48 7.02
CA LYS A 195 -54.21 22.76 6.59
C LYS A 195 -54.20 23.77 7.73
N SER B 19 -24.39 -22.02 -19.27
CA SER B 19 -23.72 -20.74 -19.26
C SER B 19 -22.23 -20.89 -19.52
N THR B 20 -21.60 -19.83 -20.02
CA THR B 20 -20.18 -19.87 -20.31
C THR B 20 -19.37 -19.86 -19.02
N ILE B 21 -18.10 -20.23 -19.15
CA ILE B 21 -17.23 -20.31 -17.98
C ILE B 21 -16.93 -18.92 -17.44
N GLU B 22 -17.01 -17.90 -18.30
CA GLU B 22 -16.69 -16.55 -17.88
C GLU B 22 -17.71 -16.02 -16.86
N GLU B 23 -18.99 -16.31 -17.09
CA GLU B 23 -20.01 -15.85 -16.15
C GLU B 23 -19.90 -16.56 -14.81
N GLN B 24 -19.62 -17.86 -14.83
CA GLN B 24 -19.39 -18.60 -13.59
C GLN B 24 -18.20 -18.03 -12.84
N ALA B 25 -17.13 -17.70 -13.57
CA ALA B 25 -15.95 -17.11 -12.95
C ALA B 25 -16.27 -15.74 -12.36
N LYS B 26 -17.07 -14.94 -13.04
CA LYS B 26 -17.46 -13.64 -12.52
C LYS B 26 -18.27 -13.78 -11.24
N THR B 27 -19.21 -14.72 -11.21
CA THR B 27 -19.99 -14.94 -10.00
C THR B 27 -19.12 -15.42 -8.84
N PHE B 28 -18.20 -16.34 -9.12
CA PHE B 28 -17.27 -16.80 -8.10
C PHE B 28 -16.41 -15.66 -7.58
N LEU B 29 -15.94 -14.79 -8.47
CA LEU B 29 -15.12 -13.66 -8.05
C LEU B 29 -15.93 -12.68 -7.21
N ASP B 30 -17.20 -12.47 -7.54
CA ASP B 30 -18.04 -11.58 -6.74
C ASP B 30 -18.21 -12.14 -5.33
N LYS B 31 -18.53 -13.43 -5.23
CA LYS B 31 -18.67 -14.06 -3.91
C LYS B 31 -17.37 -13.97 -3.12
N PHE B 32 -16.24 -14.29 -3.78
CA PHE B 32 -14.96 -14.24 -3.11
C PHE B 32 -14.63 -12.85 -2.62
N ASN B 33 -14.89 -11.83 -3.44
CA ASN B 33 -14.63 -10.46 -3.02
C ASN B 33 -15.50 -10.07 -1.84
N HIS B 34 -16.78 -10.44 -1.87
CA HIS B 34 -17.68 -10.09 -0.78
C HIS B 34 -17.22 -10.70 0.53
N GLU B 35 -16.83 -11.97 0.51
CA GLU B 35 -16.40 -12.61 1.76
C GLU B 35 -15.01 -12.12 2.19
N ALA B 36 -14.13 -11.89 1.22
CA ALA B 36 -12.76 -11.54 1.53
C ALA B 36 -12.67 -10.13 2.09
N GLU B 37 -13.54 -9.23 1.64
CA GLU B 37 -13.56 -7.89 2.24
C GLU B 37 -13.79 -7.97 3.74
N ASP B 38 -14.82 -8.70 4.16
CA ASP B 38 -15.14 -8.80 5.58
C ASP B 38 -14.02 -9.51 6.34
N LEU B 39 -13.53 -10.63 5.81
CA LEU B 39 -12.50 -11.37 6.56
C LEU B 39 -11.19 -10.59 6.64
N PHE B 40 -10.80 -9.90 5.57
CA PHE B 40 -9.59 -9.09 5.61
C PHE B 40 -9.76 -7.88 6.52
N TYR B 41 -10.97 -7.31 6.58
CA TYR B 41 -11.21 -6.23 7.53
C TYR B 41 -11.05 -6.73 8.96
N GLN B 42 -11.58 -7.92 9.25
CA GLN B 42 -11.42 -8.48 10.59
C GLN B 42 -9.94 -8.71 10.92
N SER B 43 -9.20 -9.31 9.99
CA SER B 43 -7.78 -9.56 10.23
C SER B 43 -6.99 -8.27 10.41
N SER B 44 -7.27 -7.26 9.58
CA SER B 44 -6.55 -6.00 9.67
C SER B 44 -6.91 -5.26 10.96
N LEU B 45 -8.17 -5.34 11.40
CA LEU B 45 -8.54 -4.71 12.65
C LEU B 45 -7.87 -5.40 13.83
N ALA B 46 -7.77 -6.73 13.80
CA ALA B 46 -7.05 -7.44 14.85
C ALA B 46 -5.58 -7.05 14.86
N SER B 47 -4.95 -6.95 13.68
CA SER B 47 -3.55 -6.55 13.61
C SER B 47 -3.35 -5.13 14.11
N TRP B 48 -4.29 -4.22 13.79
CA TRP B 48 -4.19 -2.86 14.27
C TRP B 48 -4.33 -2.80 15.79
N ASN B 49 -5.28 -3.57 16.34
CA ASN B 49 -5.45 -3.60 17.80
C ASN B 49 -4.20 -4.16 18.48
N TYR B 50 -3.54 -5.12 17.83
CA TYR B 50 -2.29 -5.64 18.39
C TYR B 50 -1.18 -4.60 18.34
N ASN B 51 -1.00 -3.96 17.19
CA ASN B 51 0.10 -3.01 17.04
C ASN B 51 -0.11 -1.75 17.86
N THR B 52 -1.36 -1.41 18.17
CA THR B 52 -1.64 -0.25 19.00
C THR B 52 -1.66 -0.56 20.49
N ASN B 53 -1.85 -1.83 20.87
CA ASN B 53 -1.86 -2.23 22.27
C ASN B 53 -1.34 -3.67 22.33
N ILE B 54 -0.06 -3.80 22.68
CA ILE B 54 0.58 -5.11 22.72
C ILE B 54 0.14 -5.83 23.98
N THR B 55 -0.82 -6.74 23.83
CA THR B 55 -1.28 -7.58 24.93
C THR B 55 -1.45 -9.00 24.41
N GLU B 56 -1.47 -9.96 25.34
CA GLU B 56 -1.60 -11.36 24.97
C GLU B 56 -2.95 -11.63 24.30
N GLU B 57 -4.01 -11.01 24.79
CA GLU B 57 -5.33 -11.19 24.20
C GLU B 57 -5.35 -10.69 22.77
N ASN B 58 -4.73 -9.53 22.52
CA ASN B 58 -4.65 -9.01 21.16
C ASN B 58 -3.84 -9.92 20.26
N VAL B 59 -2.76 -10.51 20.79
CA VAL B 59 -1.95 -11.45 20.01
C VAL B 59 -2.80 -12.67 19.62
N GLN B 60 -3.56 -13.20 20.58
CA GLN B 60 -4.38 -14.37 20.29
C GLN B 60 -5.47 -14.03 19.28
N ASN B 61 -6.09 -12.85 19.40
CA ASN B 61 -7.12 -12.44 18.45
C ASN B 61 -6.54 -12.27 17.05
N MET B 62 -5.36 -11.66 16.95
CA MET B 62 -4.72 -11.49 15.66
C MET B 62 -4.36 -12.84 15.04
N ASN B 63 -3.88 -13.77 15.87
CA ASN B 63 -3.54 -15.10 15.37
C ASN B 63 -4.79 -15.82 14.85
N ASN B 64 -5.90 -15.73 15.60
CA ASN B 64 -7.13 -16.38 15.16
C ASN B 64 -7.64 -15.77 13.86
N ALA B 65 -7.62 -14.44 13.76
CA ALA B 65 -8.05 -13.78 12.52
C ALA B 65 -7.16 -14.15 11.34
N GLY B 66 -5.85 -14.21 11.54
CA GLY B 66 -4.96 -14.61 10.46
C GLY B 66 -5.17 -16.05 10.04
N ASP B 67 -5.43 -16.93 11.02
CA ASP B 67 -5.73 -18.32 10.69
C ASP B 67 -7.02 -18.43 9.87
N LYS B 68 -8.05 -17.68 10.27
CA LYS B 68 -9.29 -17.69 9.50
C LYS B 68 -9.07 -17.17 8.09
N TRP B 69 -8.31 -16.09 7.94
CA TRP B 69 -8.06 -15.52 6.63
C TRP B 69 -7.27 -16.49 5.75
N SER B 70 -6.25 -17.13 6.32
CA SER B 70 -5.47 -18.09 5.55
C SER B 70 -6.28 -19.31 5.15
N ALA B 71 -7.16 -19.79 6.05
CA ALA B 71 -8.02 -20.92 5.70
C ALA B 71 -9.00 -20.52 4.60
N PHE B 72 -9.54 -19.31 4.66
CA PHE B 72 -10.42 -18.82 3.60
C PHE B 72 -9.70 -18.76 2.27
N LEU B 73 -8.47 -18.24 2.27
CA LEU B 73 -7.71 -18.16 1.02
C LEU B 73 -7.38 -19.54 0.49
N LYS B 74 -7.09 -20.50 1.37
CA LYS B 74 -6.77 -21.85 0.94
C LYS B 74 -8.00 -22.52 0.33
N GLU B 75 -9.17 -22.32 0.95
CA GLU B 75 -10.39 -22.93 0.43
C GLU B 75 -10.81 -22.31 -0.90
N GLN B 76 -10.70 -20.98 -1.00
CA GLN B 76 -11.11 -20.30 -2.22
C GLN B 76 -10.15 -20.56 -3.37
N SER B 77 -8.87 -20.82 -3.06
CA SER B 77 -7.91 -21.12 -4.12
C SER B 77 -8.21 -22.46 -4.76
N THR B 78 -8.71 -23.43 -3.97
CA THR B 78 -9.04 -24.73 -4.52
C THR B 78 -10.27 -24.64 -5.44
N LEU B 79 -11.23 -23.80 -5.08
CA LEU B 79 -12.43 -23.65 -5.90
C LEU B 79 -12.14 -22.91 -7.19
N ALA B 80 -11.11 -22.07 -7.21
CA ALA B 80 -10.79 -21.30 -8.41
C ALA B 80 -10.03 -22.13 -9.44
N GLN B 81 -9.61 -23.35 -9.08
CA GLN B 81 -8.84 -24.17 -10.01
C GLN B 81 -9.70 -24.69 -11.15
N MET B 82 -11.01 -24.76 -10.95
CA MET B 82 -11.90 -25.30 -11.97
C MET B 82 -12.18 -24.32 -13.10
N TYR B 83 -11.73 -23.07 -13.00
CA TYR B 83 -11.92 -22.09 -14.06
C TYR B 83 -10.65 -21.97 -14.88
N PRO B 84 -10.64 -22.49 -16.11
CA PRO B 84 -9.41 -22.42 -16.93
C PRO B 84 -9.14 -20.99 -17.39
N LEU B 85 -7.87 -20.61 -17.32
CA LEU B 85 -7.49 -19.26 -17.72
C LEU B 85 -7.57 -19.06 -19.23
N GLN B 86 -7.43 -20.15 -20.00
CA GLN B 86 -7.45 -20.02 -21.45
C GLN B 86 -8.84 -19.66 -21.97
N GLU B 87 -9.88 -20.04 -21.23
CA GLU B 87 -11.25 -19.79 -21.66
C GLU B 87 -11.82 -18.49 -21.10
N ILE B 88 -10.97 -17.62 -20.56
CA ILE B 88 -11.39 -16.33 -20.04
C ILE B 88 -10.82 -15.24 -20.94
N GLN B 89 -11.71 -14.41 -21.48
CA GLN B 89 -11.30 -13.32 -22.37
C GLN B 89 -11.20 -11.97 -21.67
N ASN B 90 -11.99 -11.75 -20.61
CA ASN B 90 -11.91 -10.49 -19.87
C ASN B 90 -10.59 -10.42 -19.12
N LEU B 91 -9.85 -9.33 -19.31
CA LEU B 91 -8.53 -9.21 -18.72
C LEU B 91 -8.60 -9.05 -17.20
N THR B 92 -9.60 -8.32 -16.70
CA THR B 92 -9.75 -8.13 -15.26
C THR B 92 -10.07 -9.45 -14.57
N VAL B 93 -11.04 -10.20 -15.11
CA VAL B 93 -11.38 -11.50 -14.54
C VAL B 93 -10.19 -12.44 -14.62
N LYS B 94 -9.44 -12.37 -15.72
CA LYS B 94 -8.28 -13.26 -15.88
C LYS B 94 -7.20 -12.93 -14.85
N LEU B 95 -6.97 -11.64 -14.59
CA LEU B 95 -5.98 -11.26 -13.57
C LEU B 95 -6.43 -11.70 -12.19
N GLN B 96 -7.72 -11.52 -11.87
CA GLN B 96 -8.22 -11.95 -10.58
C GLN B 96 -8.08 -13.46 -10.41
N LEU B 97 -8.38 -14.22 -11.46
CA LEU B 97 -8.25 -15.67 -11.38
C LEU B 97 -6.78 -16.09 -11.23
N GLN B 98 -5.88 -15.43 -11.97
CA GLN B 98 -4.46 -15.72 -11.82
C GLN B 98 -4.00 -15.46 -10.40
N ALA B 99 -4.49 -14.38 -9.79
CA ALA B 99 -4.15 -14.09 -8.40
C ALA B 99 -4.73 -15.13 -7.47
N LEU B 100 -5.90 -15.69 -7.81
CA LEU B 100 -6.55 -16.66 -6.93
C LEU B 100 -6.01 -18.07 -7.15
N GLN B 101 -5.65 -18.42 -8.38
CA GLN B 101 -5.26 -19.79 -8.68
C GLN B 101 -3.83 -20.10 -8.24
N GLN B 102 -3.12 -19.14 -7.66
CA GLN B 102 -1.75 -19.40 -7.21
C GLN B 102 -1.76 -20.37 -6.03
N ASN B 103 -1.08 -21.50 -6.21
CA ASN B 103 -1.03 -22.51 -5.15
C ASN B 103 -0.07 -22.12 -4.04
N GLY B 104 1.09 -21.59 -4.39
CA GLY B 104 2.05 -21.20 -3.36
C GLY B 104 2.74 -22.41 -2.77
N SER B 105 2.87 -22.40 -1.44
CA SER B 105 3.53 -23.49 -0.73
C SER B 105 2.63 -24.72 -0.57
N SER B 106 1.40 -24.68 -1.06
CA SER B 106 0.49 -25.81 -0.94
C SER B 106 0.72 -26.87 -2.01
N VAL B 107 1.55 -26.59 -3.01
CA VAL B 107 1.81 -27.58 -4.06
C VAL B 107 2.76 -28.67 -3.60
N LEU B 108 3.61 -28.38 -2.61
CA LEU B 108 4.55 -29.38 -2.11
C LEU B 108 3.84 -30.34 -1.15
N SER B 109 4.59 -31.35 -0.70
CA SER B 109 4.07 -32.27 0.29
C SER B 109 3.97 -31.58 1.65
N GLU B 110 3.24 -32.21 2.57
CA GLU B 110 3.06 -31.64 3.90
C GLU B 110 4.38 -31.58 4.65
N ASP B 111 5.21 -32.61 4.53
CA ASP B 111 6.50 -32.63 5.23
C ASP B 111 7.42 -31.53 4.71
N LYS B 112 7.48 -31.36 3.38
CA LYS B 112 8.32 -30.32 2.82
C LYS B 112 7.83 -28.93 3.20
N SER B 113 6.50 -28.73 3.22
CA SER B 113 5.96 -27.44 3.61
C SER B 113 6.27 -27.13 5.07
N LYS B 114 6.10 -28.12 5.95
CA LYS B 114 6.42 -27.93 7.36
C LYS B 114 7.91 -27.64 7.54
N ARG B 115 8.77 -28.34 6.79
CA ARG B 115 10.21 -28.09 6.89
C ARG B 115 10.55 -26.68 6.42
N LEU B 116 9.91 -26.23 5.34
CA LEU B 116 10.17 -24.88 4.84
C LEU B 116 9.73 -23.82 5.85
N ASN B 117 8.54 -24.01 6.44
CA ASN B 117 8.06 -23.07 7.44
C ASN B 117 8.98 -23.06 8.66
N THR B 118 9.45 -24.23 9.08
CA THR B 118 10.36 -24.30 10.21
C THR B 118 11.68 -23.60 9.91
N ILE B 119 12.20 -23.78 8.69
CA ILE B 119 13.45 -23.13 8.31
C ILE B 119 13.28 -21.61 8.29
N LEU B 120 12.15 -21.15 7.73
CA LEU B 120 11.89 -19.71 7.70
C LEU B 120 11.81 -19.13 9.11
N ASN B 121 11.05 -19.80 10.00
CA ASN B 121 10.93 -19.31 11.36
C ASN B 121 12.26 -19.35 12.09
N THR B 122 13.08 -20.38 11.83
CA THR B 122 14.38 -20.48 12.49
C THR B 122 15.31 -19.37 12.02
N MET B 123 15.32 -19.07 10.72
CA MET B 123 16.14 -17.96 10.24
C MET B 123 15.66 -16.64 10.80
N SER B 124 14.34 -16.44 10.87
CA SER B 124 13.81 -15.21 11.45
C SER B 124 14.22 -15.07 12.91
N THR B 125 14.16 -16.15 13.67
CA THR B 125 14.55 -16.09 15.08
C THR B 125 16.05 -15.87 15.24
N ILE B 126 16.87 -16.50 14.38
CA ILE B 126 18.31 -16.30 14.46
C ILE B 126 18.66 -14.85 14.17
N TYR B 127 17.99 -14.25 13.18
CA TYR B 127 18.25 -12.85 12.86
C TYR B 127 17.75 -11.93 13.96
N SER B 128 16.62 -12.29 14.59
CA SER B 128 16.04 -11.42 15.61
C SER B 128 16.68 -11.62 16.98
N THR B 129 16.94 -12.88 17.37
CA THR B 129 17.49 -13.14 18.69
C THR B 129 19.02 -13.05 18.69
N GLY B 130 19.63 -13.02 17.51
CA GLY B 130 21.07 -12.95 17.41
C GLY B 130 21.68 -11.73 18.08
N LYS B 131 22.58 -11.95 19.03
CA LYS B 131 23.23 -10.87 19.75
C LYS B 131 24.73 -11.16 19.83
N VAL B 132 25.53 -10.10 19.77
CA VAL B 132 26.98 -10.24 19.76
C VAL B 132 27.54 -9.95 21.15
N CYS B 133 28.41 -10.83 21.63
CA CYS B 133 29.09 -10.66 22.91
C CYS B 133 30.54 -10.31 22.67
N ASN B 134 31.10 -9.50 23.57
CA ASN B 134 32.50 -9.10 23.42
C ASN B 134 33.42 -10.27 23.77
N PRO B 135 34.54 -10.41 23.05
CA PRO B 135 35.45 -11.53 23.37
C PRO B 135 36.20 -11.33 24.67
N ASP B 136 36.53 -10.10 25.04
CA ASP B 136 37.21 -9.85 26.30
C ASP B 136 36.28 -10.02 27.49
N ASN B 137 35.02 -9.62 27.34
CA ASN B 137 34.01 -9.74 28.39
C ASN B 137 32.86 -10.59 27.85
N PRO B 138 32.85 -11.89 28.13
CA PRO B 138 31.76 -12.75 27.63
C PRO B 138 30.40 -12.38 28.19
N GLN B 139 30.34 -11.75 29.36
CA GLN B 139 29.06 -11.36 29.94
C GLN B 139 28.51 -10.08 29.31
N GLU B 140 29.36 -9.26 28.69
CA GLU B 140 28.93 -8.02 28.04
C GLU B 140 28.53 -8.36 26.61
N CYS B 141 27.22 -8.43 26.37
CA CYS B 141 26.69 -8.76 25.06
C CYS B 141 25.85 -7.60 24.54
N LEU B 142 25.81 -7.47 23.22
CA LEU B 142 25.07 -6.39 22.55
C LEU B 142 24.24 -6.98 21.43
N LEU B 143 22.96 -6.63 21.40
CA LEU B 143 22.08 -7.07 20.33
C LEU B 143 22.27 -6.19 19.09
N LEU B 144 21.35 -6.34 18.13
CA LEU B 144 21.57 -5.73 16.82
C LEU B 144 21.28 -4.23 16.84
N GLU B 145 20.02 -3.85 17.10
CA GLU B 145 19.56 -2.48 16.82
C GLU B 145 20.18 -1.45 17.76
N PRO B 146 20.01 -1.54 19.09
CA PRO B 146 20.70 -0.58 19.96
C PRO B 146 22.18 -0.87 20.13
N GLY B 147 22.66 -1.96 19.55
CA GLY B 147 24.04 -2.37 19.64
C GLY B 147 24.84 -2.06 18.39
N LEU B 148 24.97 -3.07 17.53
CA LEU B 148 25.88 -2.97 16.38
C LEU B 148 25.45 -1.86 15.43
N ASN B 149 24.15 -1.62 15.30
CA ASN B 149 23.70 -0.54 14.43
C ASN B 149 24.15 0.82 14.94
N GLU B 150 23.95 1.09 16.23
CA GLU B 150 24.41 2.35 16.79
C GLU B 150 25.93 2.44 16.76
N ILE B 151 26.61 1.31 16.87
CA ILE B 151 28.08 1.31 16.80
C ILE B 151 28.54 1.72 15.40
N MET B 152 28.10 0.97 14.39
CA MET B 152 28.51 1.25 13.02
C MET B 152 27.94 2.58 12.51
N ALA B 153 26.97 3.15 13.22
CA ALA B 153 26.35 4.39 12.76
C ALA B 153 27.23 5.61 13.03
N ASN B 154 27.76 5.74 14.25
CA ASN B 154 28.43 6.96 14.65
C ASN B 154 29.89 6.77 15.04
N SER B 155 30.37 5.53 15.18
CA SER B 155 31.76 5.32 15.58
C SER B 155 32.71 5.56 14.42
N LEU B 156 33.88 6.10 14.73
CA LEU B 156 34.92 6.37 13.75
C LEU B 156 36.18 5.55 13.99
N ASP B 157 36.11 4.49 14.78
CA ASP B 157 37.26 3.65 15.10
C ASP B 157 37.32 2.51 14.09
N TYR B 158 38.49 2.38 13.43
CA TYR B 158 38.65 1.32 12.43
C TYR B 158 38.56 -0.06 13.07
N ASN B 159 39.23 -0.26 14.20
CA ASN B 159 39.26 -1.58 14.83
C ASN B 159 37.90 -1.97 15.35
N GLU B 160 37.18 -1.05 16.00
CA GLU B 160 35.87 -1.37 16.54
C GLU B 160 34.87 -1.71 15.44
N ARG B 161 34.85 -0.90 14.38
CA ARG B 161 33.94 -1.17 13.27
C ARG B 161 34.30 -2.49 12.58
N LEU B 162 35.59 -2.76 12.42
CA LEU B 162 36.01 -4.03 11.82
C LEU B 162 35.57 -5.21 12.68
N TRP B 163 35.76 -5.11 13.99
CA TRP B 163 35.35 -6.19 14.89
C TRP B 163 33.84 -6.41 14.83
N ALA B 164 33.06 -5.33 14.85
CA ALA B 164 31.61 -5.47 14.78
C ALA B 164 31.18 -6.09 13.46
N TRP B 165 31.72 -5.61 12.34
CA TRP B 165 31.37 -6.12 11.03
C TRP B 165 31.74 -7.60 10.89
N GLU B 166 32.88 -7.99 11.44
CA GLU B 166 33.29 -9.39 11.34
C GLU B 166 32.45 -10.28 12.25
N SER B 167 32.13 -9.80 13.46
CA SER B 167 31.40 -10.64 14.42
C SER B 167 29.95 -10.82 13.99
N TRP B 168 29.35 -9.78 13.39
CA TRP B 168 27.94 -9.87 13.02
C TRP B 168 27.71 -10.95 11.98
N ARG B 169 28.68 -11.21 11.12
CA ARG B 169 28.54 -12.26 10.11
C ARG B 169 29.37 -13.49 10.40
N SER B 170 30.12 -13.50 11.50
CA SER B 170 30.74 -14.75 11.96
C SER B 170 29.89 -15.47 12.99
N GLU B 171 29.07 -14.75 13.74
CA GLU B 171 28.14 -15.34 14.69
C GLU B 171 26.80 -15.67 14.06
N VAL B 172 26.11 -14.68 13.52
CA VAL B 172 24.88 -14.93 12.78
C VAL B 172 25.14 -15.68 11.49
N GLY B 173 26.22 -15.34 10.81
CA GLY B 173 26.63 -16.12 9.65
C GLY B 173 27.18 -17.48 10.04
N LYS B 174 27.43 -18.29 9.02
CA LYS B 174 27.92 -19.67 9.17
C LYS B 174 26.89 -20.55 9.88
N GLN B 175 25.72 -19.97 10.18
CA GLN B 175 24.64 -20.75 10.79
C GLN B 175 23.40 -20.73 9.92
N LEU B 176 23.15 -19.61 9.24
CA LEU B 176 22.01 -19.51 8.34
C LEU B 176 22.26 -20.21 7.01
N ARG B 177 23.51 -20.25 6.54
CA ARG B 177 23.79 -20.89 5.26
C ARG B 177 23.44 -22.38 5.25
N PRO B 178 23.74 -23.17 6.28
CA PRO B 178 23.23 -24.56 6.28
C PRO B 178 21.73 -24.65 6.16
N LEU B 179 21.00 -23.64 6.65
CA LEU B 179 19.56 -23.61 6.46
C LEU B 179 19.19 -22.88 5.18
N TYR B 180 20.02 -21.93 4.76
CA TYR B 180 19.71 -21.15 3.56
C TYR B 180 19.80 -22.01 2.30
N GLU B 181 20.72 -22.97 2.28
CA GLU B 181 20.80 -23.87 1.13
C GLU B 181 19.56 -24.73 0.99
N GLU B 182 19.06 -25.30 2.09
CA GLU B 182 17.82 -26.08 2.03
C GLU B 182 16.64 -25.17 1.70
N TYR B 183 16.65 -23.93 2.19
CA TYR B 183 15.61 -22.97 1.82
C TYR B 183 15.61 -22.73 0.31
N VAL B 184 16.79 -22.55 -0.28
CA VAL B 184 16.89 -22.33 -1.72
C VAL B 184 16.40 -23.55 -2.48
N VAL B 185 16.78 -24.75 -2.02
CA VAL B 185 16.34 -25.97 -2.69
C VAL B 185 14.83 -26.10 -2.66
N LEU B 186 14.24 -25.88 -1.47
CA LEU B 186 12.78 -26.01 -1.35
C LEU B 186 12.05 -24.96 -2.16
N LYS B 187 12.57 -23.72 -2.17
CA LYS B 187 11.93 -22.67 -2.95
C LYS B 187 12.03 -22.96 -4.45
N ASN B 188 13.16 -23.50 -4.90
CA ASN B 188 13.29 -23.87 -6.30
C ASN B 188 12.32 -24.98 -6.66
N GLU B 189 12.18 -25.98 -5.79
CA GLU B 189 11.20 -27.04 -6.05
C GLU B 189 9.79 -26.49 -6.10
N MET B 190 9.45 -25.58 -5.18
CA MET B 190 8.12 -24.99 -5.17
C MET B 190 7.86 -24.18 -6.45
N ALA B 191 8.85 -23.41 -6.89
CA ALA B 191 8.68 -22.59 -8.07
C ALA B 191 8.57 -23.44 -9.33
N ARG B 192 9.37 -24.51 -9.41
CA ARG B 192 9.27 -25.41 -10.56
C ARG B 192 7.94 -26.15 -10.57
N ALA B 193 7.40 -26.45 -9.39
CA ALA B 193 6.07 -27.05 -9.32
C ALA B 193 4.99 -26.06 -9.76
N ASN B 194 5.24 -24.77 -9.61
CA ASN B 194 4.31 -23.74 -10.05
C ASN B 194 4.57 -23.24 -11.46
N HIS B 195 5.18 -24.07 -12.31
CA HIS B 195 5.45 -23.75 -13.71
C HIS B 195 6.42 -22.59 -13.89
N TYR B 196 7.28 -22.33 -12.91
CA TYR B 196 8.32 -21.33 -13.04
C TYR B 196 9.68 -21.99 -13.17
N GLU B 197 10.64 -21.24 -13.71
CA GLU B 197 11.99 -21.78 -13.88
C GLU B 197 12.71 -21.93 -12.54
N ASP B 198 12.56 -20.96 -11.66
CA ASP B 198 13.18 -20.98 -10.33
C ASP B 198 12.50 -19.90 -9.50
N TYR B 199 13.01 -19.69 -8.27
CA TYR B 199 12.44 -18.66 -7.40
C TYR B 199 12.62 -17.26 -7.97
N GLY B 200 13.69 -17.03 -8.74
CA GLY B 200 13.86 -15.73 -9.36
C GLY B 200 12.73 -15.39 -10.32
N ASP B 201 12.28 -16.38 -11.09
CA ASP B 201 11.13 -16.17 -11.96
C ASP B 201 9.86 -15.94 -11.17
N TYR B 202 9.70 -16.64 -10.04
CA TYR B 202 8.55 -16.42 -9.19
C TYR B 202 8.54 -15.00 -8.63
N TRP B 203 9.70 -14.45 -8.35
CA TRP B 203 9.78 -13.08 -7.86
C TRP B 203 9.57 -12.06 -8.99
N ARG B 204 10.11 -12.34 -10.18
CA ARG B 204 9.94 -11.43 -11.30
C ARG B 204 8.55 -11.51 -11.93
N GLY B 205 7.74 -12.50 -11.56
CA GLY B 205 6.38 -12.61 -12.07
C GLY B 205 5.49 -11.42 -11.75
N ASP B 206 5.87 -10.58 -10.79
CA ASP B 206 5.09 -9.39 -10.51
C ASP B 206 5.16 -8.39 -11.65
N TYR B 207 6.25 -8.42 -12.42
CA TYR B 207 6.44 -7.54 -13.56
C TYR B 207 5.94 -8.15 -14.86
N GLU B 208 5.37 -9.36 -14.80
CA GLU B 208 4.95 -10.05 -16.01
C GLU B 208 3.61 -9.52 -16.49
N VAL B 209 3.53 -9.19 -17.77
CA VAL B 209 2.30 -8.74 -18.42
C VAL B 209 2.06 -9.61 -19.64
N ASN B 210 0.89 -10.25 -19.68
CA ASN B 210 0.52 -11.12 -20.78
C ASN B 210 -0.87 -10.78 -21.28
N GLY B 211 -1.08 -10.95 -22.59
CA GLY B 211 -2.38 -10.76 -23.19
C GLY B 211 -2.75 -9.33 -23.50
N VAL B 212 -1.81 -8.41 -23.46
CA VAL B 212 -2.06 -6.99 -23.76
C VAL B 212 -1.04 -6.60 -24.83
N ASP B 213 -1.51 -6.45 -26.07
CA ASP B 213 -0.61 -6.12 -27.17
C ASP B 213 0.02 -4.76 -26.96
N GLY B 214 1.34 -4.68 -27.17
CA GLY B 214 2.08 -3.45 -26.98
C GLY B 214 2.53 -3.17 -25.57
N TYR B 215 1.89 -3.77 -24.57
CA TYR B 215 2.24 -3.57 -23.18
C TYR B 215 2.76 -4.82 -22.48
N ASP B 216 3.02 -5.89 -23.23
CA ASP B 216 3.52 -7.12 -22.63
C ASP B 216 4.90 -6.90 -22.04
N TYR B 217 5.24 -7.71 -21.04
CA TYR B 217 6.53 -7.61 -20.36
C TYR B 217 6.88 -8.98 -19.82
N SER B 218 7.99 -9.54 -20.28
CA SER B 218 8.42 -10.86 -19.85
C SER B 218 9.27 -10.75 -18.59
N ARG B 219 9.42 -11.89 -17.91
CA ARG B 219 10.22 -11.92 -16.68
C ARG B 219 11.71 -11.79 -17.00
N GLY B 220 12.15 -12.28 -18.15
CA GLY B 220 13.55 -12.16 -18.51
C GLY B 220 13.94 -10.76 -18.95
N GLN B 221 12.96 -9.97 -19.40
CA GLN B 221 13.25 -8.60 -19.83
C GLN B 221 13.58 -7.70 -18.65
N LEU B 222 13.11 -8.05 -17.45
CA LEU B 222 13.38 -7.23 -16.28
C LEU B 222 14.88 -7.16 -16.00
N ILE B 223 15.58 -8.29 -16.10
CA ILE B 223 17.02 -8.30 -15.85
C ILE B 223 17.74 -7.44 -16.87
N GLU B 224 17.34 -7.55 -18.15
CA GLU B 224 17.97 -6.75 -19.20
C GLU B 224 17.75 -5.25 -18.95
N ASP B 225 16.53 -4.87 -18.57
CA ASP B 225 16.24 -3.47 -18.31
C ASP B 225 17.01 -2.95 -17.11
N VAL B 226 17.11 -3.76 -16.05
CA VAL B 226 17.86 -3.34 -14.86
C VAL B 226 19.34 -3.16 -15.19
N GLU B 227 19.89 -4.08 -15.99
CA GLU B 227 21.29 -3.96 -16.39
C GLU B 227 21.50 -2.71 -17.27
N HIS B 228 20.56 -2.46 -18.19
CA HIS B 228 20.68 -1.30 -19.06
C HIS B 228 20.62 0.00 -18.26
N THR B 229 19.77 0.04 -17.23
CA THR B 229 19.68 1.23 -16.39
C THR B 229 20.93 1.39 -15.52
N PHE B 230 21.46 0.28 -15.00
CA PHE B 230 22.66 0.39 -14.18
C PHE B 230 23.88 0.78 -15.01
N GLU B 231 23.91 0.41 -16.28
CA GLU B 231 24.99 0.87 -17.16
C GLU B 231 25.02 2.38 -17.26
N GLU B 232 23.84 3.02 -17.27
CA GLU B 232 23.78 4.47 -17.32
C GLU B 232 24.00 5.10 -15.95
N ILE B 233 23.63 4.39 -14.88
CA ILE B 233 23.90 4.89 -13.54
C ILE B 233 25.40 4.85 -13.23
N LYS B 234 26.13 3.94 -13.88
CA LYS B 234 27.54 3.70 -13.57
C LYS B 234 28.41 4.95 -13.49
N PRO B 235 28.33 5.92 -14.42
CA PRO B 235 29.20 7.10 -14.29
C PRO B 235 28.92 7.95 -13.06
N LEU B 236 27.65 8.21 -12.77
CA LEU B 236 27.32 9.02 -11.60
C LEU B 236 27.72 8.33 -10.31
N TYR B 237 27.44 7.04 -10.19
CA TYR B 237 27.85 6.30 -9.01
C TYR B 237 29.37 6.22 -8.91
N GLU B 238 30.06 6.16 -10.05
CA GLU B 238 31.52 6.12 -10.03
C GLU B 238 32.09 7.42 -9.51
N HIS B 239 31.55 8.55 -9.96
CA HIS B 239 32.01 9.84 -9.45
C HIS B 239 31.67 10.00 -7.97
N LEU B 240 30.49 9.58 -7.54
CA LEU B 240 30.13 9.65 -6.13
C LEU B 240 31.06 8.75 -5.29
N HIS B 241 31.39 7.57 -5.81
CA HIS B 241 32.30 6.67 -5.12
C HIS B 241 33.69 7.27 -5.01
N ALA B 242 34.17 7.93 -6.06
CA ALA B 242 35.46 8.59 -6.00
C ALA B 242 35.46 9.71 -4.96
N TYR B 243 34.38 10.50 -4.91
CA TYR B 243 34.29 11.56 -3.92
C TYR B 243 34.28 11.00 -2.50
N VAL B 244 33.47 9.96 -2.27
CA VAL B 244 33.39 9.36 -0.93
C VAL B 244 34.73 8.73 -0.56
N ARG B 245 35.43 8.15 -1.53
CA ARG B 245 36.72 7.54 -1.25
C ARG B 245 37.75 8.59 -0.88
N ALA B 246 37.76 9.72 -1.59
CA ALA B 246 38.66 10.81 -1.23
C ALA B 246 38.35 11.34 0.18
N LYS B 247 37.06 11.50 0.49
CA LYS B 247 36.68 11.98 1.82
C LYS B 247 37.10 11.01 2.91
N LEU B 248 36.90 9.71 2.68
CA LEU B 248 37.26 8.71 3.68
C LEU B 248 38.78 8.61 3.83
N MET B 249 39.53 8.77 2.74
CA MET B 249 40.98 8.80 2.84
C MET B 249 41.47 10.02 3.61
N ASN B 250 40.80 11.15 3.43
CA ASN B 250 41.12 12.32 4.26
C ASN B 250 40.71 12.09 5.70
N ALA B 251 39.73 11.22 5.94
CA ALA B 251 39.26 10.96 7.30
C ALA B 251 39.97 9.77 7.91
N TYR B 252 40.18 8.70 7.14
CA TYR B 252 40.85 7.48 7.61
C TYR B 252 42.19 7.34 6.89
N PRO B 253 43.25 7.91 7.46
CA PRO B 253 44.57 7.81 6.81
C PRO B 253 45.16 6.41 6.95
N SER B 254 45.95 6.02 5.96
CA SER B 254 46.67 4.75 5.92
C SER B 254 45.75 3.53 5.91
N TYR B 255 44.46 3.72 5.61
CA TYR B 255 43.52 2.61 5.52
C TYR B 255 42.67 2.67 4.25
N ILE B 256 42.79 3.73 3.47
CA ILE B 256 42.03 3.89 2.23
C ILE B 256 43.01 4.08 1.09
N SER B 257 42.79 3.36 -0.01
CA SER B 257 43.64 3.48 -1.18
C SER B 257 42.99 4.38 -2.22
N PRO B 258 43.74 5.29 -2.86
CA PRO B 258 43.12 6.19 -3.85
C PRO B 258 42.73 5.49 -5.14
N ILE B 259 43.13 4.23 -5.34
CA ILE B 259 42.79 3.49 -6.55
C ILE B 259 42.04 2.20 -6.27
N GLY B 260 41.91 1.80 -5.01
CA GLY B 260 41.26 0.57 -4.65
C GLY B 260 39.81 0.75 -4.23
N CYS B 261 39.20 -0.36 -3.82
CA CYS B 261 37.81 -0.34 -3.38
C CYS B 261 37.71 0.18 -1.95
N LEU B 262 36.47 0.42 -1.53
CA LEU B 262 36.23 0.88 -0.17
C LEU B 262 36.03 -0.32 0.76
N PRO B 263 36.47 -0.21 2.01
CA PRO B 263 36.23 -1.31 2.96
C PRO B 263 34.76 -1.38 3.34
N ALA B 264 34.32 -2.58 3.71
CA ALA B 264 32.90 -2.80 3.99
C ALA B 264 32.46 -2.15 5.30
N HIS B 265 33.30 -2.23 6.34
CA HIS B 265 32.92 -1.73 7.64
C HIS B 265 32.94 -0.20 7.73
N LEU B 266 33.60 0.48 6.81
CA LEU B 266 33.66 1.93 6.81
C LEU B 266 32.64 2.59 5.90
N LEU B 267 31.54 1.90 5.59
CA LEU B 267 30.50 2.45 4.72
C LEU B 267 29.38 3.13 5.49
N GLY B 268 29.52 3.32 6.80
CA GLY B 268 28.48 3.95 7.58
C GLY B 268 27.26 3.09 7.83
N ASP B 269 27.33 1.78 7.54
CA ASP B 269 26.21 0.89 7.75
C ASP B 269 26.75 -0.53 7.90
N MET B 270 25.95 -1.37 8.56
CA MET B 270 26.34 -2.76 8.77
C MET B 270 26.55 -3.51 7.47
N TRP B 271 25.69 -3.27 6.47
CA TRP B 271 25.80 -3.96 5.19
C TRP B 271 26.19 -3.06 4.04
N GLY B 272 26.29 -1.75 4.25
CA GLY B 272 26.62 -0.83 3.16
C GLY B 272 25.46 -0.47 2.27
N ARG B 273 24.22 -0.63 2.74
CA ARG B 273 23.07 -0.33 1.89
C ARG B 273 22.92 1.18 1.69
N PHE B 274 22.75 1.93 2.77
CA PHE B 274 22.59 3.37 2.71
C PHE B 274 23.88 4.05 3.17
N TRP B 275 24.34 5.02 2.39
CA TRP B 275 25.51 5.82 2.74
C TRP B 275 25.13 7.13 3.41
N THR B 276 23.97 7.19 4.06
CA THR B 276 23.52 8.44 4.67
C THR B 276 24.38 8.83 5.87
N ASN B 277 24.82 7.84 6.65
CA ASN B 277 25.61 8.11 7.84
C ASN B 277 26.98 8.71 7.53
N LEU B 278 27.44 8.61 6.29
CA LEU B 278 28.73 9.20 5.90
C LEU B 278 28.62 10.67 5.56
N TYR B 279 27.46 11.30 5.76
CA TYR B 279 27.30 12.71 5.42
C TYR B 279 28.14 13.60 6.33
N SER B 280 28.43 13.13 7.53
CA SER B 280 29.24 13.93 8.45
C SER B 280 30.67 14.08 7.96
N LEU B 281 31.17 13.09 7.22
CA LEU B 281 32.54 13.15 6.71
C LEU B 281 32.58 13.64 5.27
N THR B 282 31.56 13.34 4.48
CA THR B 282 31.54 13.71 3.06
C THR B 282 30.79 15.01 2.79
N VAL B 283 30.56 15.83 3.80
CA VAL B 283 29.85 17.09 3.63
C VAL B 283 30.68 18.03 2.78
N PRO B 284 30.13 18.58 1.68
CA PRO B 284 30.90 19.50 0.85
C PRO B 284 31.27 20.79 1.57
N PHE B 285 30.28 21.44 2.17
CA PHE B 285 30.48 22.72 2.87
C PHE B 285 29.90 22.59 4.28
N GLY B 286 30.76 22.27 5.24
CA GLY B 286 30.31 22.10 6.62
C GLY B 286 30.13 23.41 7.36
N GLN B 287 30.50 24.53 6.76
CA GLN B 287 30.35 25.82 7.41
C GLN B 287 28.91 26.33 7.44
N LYS B 288 28.02 25.75 6.64
CA LYS B 288 26.62 26.14 6.62
C LYS B 288 25.74 24.93 6.85
N PRO B 289 25.02 24.85 7.98
CA PRO B 289 24.18 23.68 8.24
C PRO B 289 23.04 23.58 7.23
N ASN B 290 22.55 22.36 7.04
CA ASN B 290 21.46 22.11 6.11
C ASN B 290 20.15 22.62 6.70
N ILE B 291 19.12 22.66 5.85
CA ILE B 291 17.82 23.17 6.28
C ILE B 291 17.19 22.20 7.27
N ASP B 292 16.90 22.70 8.47
CA ASP B 292 16.25 21.91 9.51
C ASP B 292 15.19 22.79 10.16
N VAL B 293 13.93 22.48 9.91
CA VAL B 293 12.82 23.31 10.37
C VAL B 293 12.30 22.78 11.71
N THR B 294 13.10 21.94 12.37
CA THR B 294 12.71 21.43 13.68
C THR B 294 12.57 22.56 14.68
N ASP B 295 13.52 23.49 14.70
CA ASP B 295 13.47 24.61 15.64
C ASP B 295 12.27 25.51 15.36
N ALA B 296 11.96 25.73 14.09
CA ALA B 296 10.80 26.56 13.75
C ALA B 296 9.49 25.91 14.21
N MET B 297 9.38 24.58 14.06
CA MET B 297 8.18 23.90 14.51
C MET B 297 8.08 23.88 16.03
N VAL B 298 9.23 23.79 16.71
CA VAL B 298 9.22 23.87 18.17
C VAL B 298 8.80 25.26 18.63
N ASP B 299 9.28 26.30 17.94
CA ASP B 299 8.93 27.66 18.33
C ASP B 299 7.47 27.97 18.05
N GLN B 300 6.94 27.50 16.92
CA GLN B 300 5.54 27.72 16.59
C GLN B 300 4.60 26.74 17.28
N ALA B 301 5.11 25.88 18.16
CA ALA B 301 4.31 24.94 18.93
C ALA B 301 3.48 24.03 18.02
N TRP B 302 4.17 23.31 17.14
CA TRP B 302 3.51 22.36 16.27
C TRP B 302 3.45 20.99 16.92
N ASP B 303 2.34 20.30 16.69
CA ASP B 303 2.12 18.94 17.18
C ASP B 303 1.87 18.00 16.00
N ALA B 304 1.54 16.75 16.30
CA ALA B 304 1.28 15.77 15.26
C ALA B 304 0.07 16.18 14.41
N GLN B 305 -0.98 16.68 15.07
CA GLN B 305 -2.16 17.11 14.36
C GLN B 305 -1.84 18.22 13.36
N ARG B 306 -0.98 19.16 13.74
CA ARG B 306 -0.61 20.24 12.84
C ARG B 306 0.16 19.71 11.63
N ILE B 307 1.08 18.77 11.88
CA ILE B 307 1.85 18.19 10.79
C ILE B 307 0.95 17.47 9.80
N PHE B 308 0.03 16.66 10.31
CA PHE B 308 -0.86 15.93 9.43
C PHE B 308 -1.86 16.85 8.73
N LYS B 309 -2.25 17.95 9.37
CA LYS B 309 -3.11 18.92 8.69
C LYS B 309 -2.36 19.64 7.57
N GLU B 310 -1.09 19.96 7.79
CA GLU B 310 -0.28 20.55 6.72
C GLU B 310 -0.13 19.57 5.56
N ALA B 311 0.09 18.29 5.86
CA ALA B 311 0.18 17.29 4.81
C ALA B 311 -1.15 17.18 4.05
N GLU B 312 -2.26 17.21 4.77
CA GLU B 312 -3.57 17.15 4.12
C GLU B 312 -3.80 18.35 3.22
N LYS B 313 -3.39 19.54 3.66
CA LYS B 313 -3.52 20.73 2.82
C LYS B 313 -2.64 20.62 1.58
N PHE B 314 -1.44 20.05 1.74
CA PHE B 314 -0.56 19.82 0.59
C PHE B 314 -1.21 18.90 -0.42
N PHE B 315 -1.85 17.82 0.06
CA PHE B 315 -2.46 16.86 -0.86
C PHE B 315 -3.74 17.41 -1.48
N VAL B 316 -4.43 18.30 -0.77
CA VAL B 316 -5.62 18.92 -1.35
C VAL B 316 -5.24 19.97 -2.38
N SER B 317 -4.08 20.62 -2.21
CA SER B 317 -3.64 21.65 -3.14
C SER B 317 -3.41 21.10 -4.54
N VAL B 318 -3.07 19.81 -4.66
CA VAL B 318 -2.82 19.21 -5.96
C VAL B 318 -4.10 18.63 -6.52
N GLY B 319 -5.17 18.66 -5.72
CA GLY B 319 -6.46 18.19 -6.17
C GLY B 319 -6.90 16.85 -5.65
N LEU B 320 -6.14 16.23 -4.76
CA LEU B 320 -6.51 14.94 -4.20
C LEU B 320 -7.52 15.13 -3.07
N PRO B 321 -8.38 14.14 -2.84
CA PRO B 321 -9.39 14.27 -1.79
C PRO B 321 -8.77 14.39 -0.42
N ASN B 322 -9.49 15.04 0.49
CA ASN B 322 -9.01 15.22 1.85
C ASN B 322 -9.21 13.96 2.67
N MET B 323 -8.65 13.96 3.86
CA MET B 323 -8.71 12.80 4.74
C MET B 323 -10.12 12.62 5.29
N THR B 324 -10.51 11.37 5.49
CA THR B 324 -11.82 11.05 6.02
C THR B 324 -11.88 11.33 7.51
N GLN B 325 -13.11 11.41 8.03
CA GLN B 325 -13.28 11.63 9.47
C GLN B 325 -12.81 10.44 10.28
N GLY B 326 -13.08 9.22 9.78
CA GLY B 326 -12.58 8.04 10.45
C GLY B 326 -11.07 7.99 10.53
N PHE B 327 -10.39 8.61 9.56
CA PHE B 327 -8.93 8.72 9.63
C PHE B 327 -8.50 9.51 10.86
N TRP B 328 -9.08 10.69 11.06
CA TRP B 328 -8.70 11.51 12.20
C TRP B 328 -9.17 10.89 13.51
N GLU B 329 -10.23 10.09 13.47
CA GLU B 329 -10.78 9.53 14.69
C GLU B 329 -9.97 8.31 15.15
N ASN B 330 -9.70 7.38 14.24
CA ASN B 330 -9.18 6.07 14.62
C ASN B 330 -7.66 5.96 14.53
N SER B 331 -6.99 6.89 13.86
CA SER B 331 -5.55 6.79 13.68
C SER B 331 -4.81 7.18 14.95
N MET B 332 -3.64 6.56 15.15
CA MET B 332 -2.77 6.87 16.27
C MET B 332 -1.65 7.77 15.75
N LEU B 333 -1.82 9.07 15.95
CA LEU B 333 -0.85 10.05 15.48
C LEU B 333 0.20 10.39 16.53
N THR B 334 0.03 9.94 17.77
CA THR B 334 0.97 10.24 18.84
C THR B 334 1.15 9.00 19.70
N ASP B 335 2.32 8.90 20.32
CA ASP B 335 2.61 7.78 21.21
C ASP B 335 1.66 7.80 22.39
N PRO B 336 0.93 6.70 22.66
CA PRO B 336 -0.03 6.70 23.77
C PRO B 336 0.61 6.70 25.15
N GLY B 337 1.93 6.77 25.24
CA GLY B 337 2.60 6.79 26.52
C GLY B 337 2.93 5.40 27.03
N ASN B 338 3.36 5.36 28.30
CA ASN B 338 3.74 4.10 28.94
C ASN B 338 2.55 3.21 29.25
N VAL B 339 1.34 3.76 29.26
CA VAL B 339 0.15 2.96 29.59
C VAL B 339 -0.16 1.95 28.50
N GLN B 340 0.28 2.19 27.27
CA GLN B 340 0.04 1.29 26.16
C GLN B 340 1.33 1.04 25.40
N LYS B 341 1.61 -0.22 25.10
CA LYS B 341 2.79 -0.60 24.32
C LYS B 341 2.41 -0.68 22.85
N ALA B 342 3.12 0.07 22.02
CA ALA B 342 2.87 0.11 20.59
C ALA B 342 4.19 0.04 19.83
N VAL B 343 4.12 -0.51 18.63
CA VAL B 343 5.28 -0.59 17.74
C VAL B 343 5.38 0.74 17.01
N CYS B 344 6.38 1.55 17.37
CA CYS B 344 6.53 2.86 16.77
C CYS B 344 7.19 2.80 15.40
N HIS B 345 6.60 2.04 14.48
CA HIS B 345 7.06 2.00 13.10
C HIS B 345 6.03 2.66 12.21
N PRO B 346 6.37 3.74 11.51
CA PRO B 346 5.37 4.43 10.69
C PRO B 346 4.87 3.55 9.55
N THR B 347 3.58 3.21 9.61
CA THR B 347 2.96 2.37 8.60
C THR B 347 1.60 2.93 8.24
N ALA B 348 1.24 2.82 6.96
CA ALA B 348 -0.08 3.20 6.47
C ALA B 348 -0.97 1.97 6.46
N TRP B 349 -2.14 2.09 7.10
CA TRP B 349 -3.05 0.96 7.28
C TRP B 349 -4.28 1.15 6.40
N ASP B 350 -4.54 0.16 5.55
CA ASP B 350 -5.73 0.12 4.71
C ASP B 350 -6.55 -1.09 5.13
N LEU B 351 -7.42 -0.90 6.12
CA LEU B 351 -8.25 -1.99 6.64
C LEU B 351 -9.38 -2.37 5.70
N GLY B 352 -9.62 -1.60 4.65
CA GLY B 352 -10.67 -1.90 3.71
C GLY B 352 -12.03 -1.40 4.17
N LYS B 353 -12.97 -1.40 3.23
CA LYS B 353 -14.34 -0.95 3.47
C LYS B 353 -14.39 0.48 3.99
N GLY B 354 -13.48 1.32 3.49
CA GLY B 354 -13.47 2.73 3.83
C GLY B 354 -12.70 3.09 5.08
N ASP B 355 -11.97 2.16 5.68
CA ASP B 355 -11.24 2.41 6.92
C ASP B 355 -9.77 2.63 6.57
N PHE B 356 -9.31 3.88 6.68
CA PHE B 356 -7.92 4.24 6.42
C PHE B 356 -7.33 4.84 7.69
N ARG B 357 -6.21 4.27 8.14
CA ARG B 357 -5.59 4.70 9.40
C ARG B 357 -4.09 4.80 9.20
N ILE B 358 -3.44 5.56 10.08
CA ILE B 358 -2.00 5.73 10.10
C ILE B 358 -1.51 5.52 11.52
N LEU B 359 -0.52 4.64 11.68
CA LEU B 359 0.10 4.36 12.97
C LEU B 359 1.50 4.96 12.95
N MET B 360 1.69 6.07 13.67
CA MET B 360 2.96 6.77 13.66
C MET B 360 3.14 7.50 14.99
N CYS B 361 4.28 7.24 15.65
CA CYS B 361 4.64 7.95 16.88
C CYS B 361 5.30 9.29 16.53
N THR B 362 4.46 10.22 16.07
CA THR B 362 4.95 11.49 15.56
C THR B 362 5.45 12.38 16.68
N LYS B 363 6.65 12.92 16.51
CA LYS B 363 7.20 13.93 17.40
C LYS B 363 7.68 15.11 16.57
N VAL B 364 8.16 16.15 17.25
CA VAL B 364 8.58 17.37 16.57
C VAL B 364 9.91 17.08 15.87
N THR B 365 9.85 16.88 14.55
CA THR B 365 11.02 16.60 13.74
C THR B 365 10.65 16.75 12.27
N MET B 366 11.54 17.39 11.51
CA MET B 366 11.32 17.51 10.08
C MET B 366 11.27 16.14 9.41
N ASP B 367 12.06 15.18 9.92
CA ASP B 367 11.99 13.81 9.43
C ASP B 367 10.58 13.25 9.61
N ASP B 368 9.95 13.54 10.75
CA ASP B 368 8.58 13.12 10.96
C ASP B 368 7.61 13.84 10.03
N PHE B 369 7.90 15.09 9.68
CA PHE B 369 7.09 15.79 8.68
C PHE B 369 7.13 15.07 7.33
N LEU B 370 8.34 14.73 6.88
CA LEU B 370 8.48 14.03 5.60
C LEU B 370 7.86 12.63 5.67
N THR B 371 8.00 11.96 6.82
CA THR B 371 7.43 10.63 6.97
C THR B 371 5.90 10.68 6.97
N ALA B 372 5.32 11.72 7.58
CA ALA B 372 3.89 11.91 7.52
C ALA B 372 3.41 12.17 6.11
N HIS B 373 4.17 12.97 5.34
CA HIS B 373 3.83 13.16 3.93
C HIS B 373 3.88 11.83 3.17
N HIS B 374 4.91 11.02 3.42
CA HIS B 374 5.04 9.72 2.76
C HIS B 374 3.85 8.81 3.09
N GLU B 375 3.48 8.74 4.37
CA GLU B 375 2.38 7.87 4.77
C GLU B 375 1.04 8.40 4.25
N MET B 376 0.87 9.72 4.18
CA MET B 376 -0.37 10.24 3.60
C MET B 376 -0.42 10.00 2.10
N GLY B 377 0.72 9.99 1.42
CA GLY B 377 0.74 9.58 0.02
C GLY B 377 0.35 8.13 -0.16
N HIS B 378 0.85 7.26 0.73
CA HIS B 378 0.41 5.86 0.72
C HIS B 378 -1.09 5.75 0.94
N ILE B 379 -1.62 6.55 1.87
CA ILE B 379 -3.06 6.50 2.15
C ILE B 379 -3.86 7.00 0.95
N GLN B 380 -3.36 8.04 0.27
CA GLN B 380 -4.04 8.52 -0.92
C GLN B 380 -4.03 7.47 -2.04
N TYR B 381 -2.91 6.78 -2.22
CA TYR B 381 -2.87 5.68 -3.17
C TYR B 381 -3.90 4.61 -2.82
N ASP B 382 -3.98 4.26 -1.53
CA ASP B 382 -4.95 3.26 -1.10
C ASP B 382 -6.38 3.73 -1.35
N MET B 383 -6.66 5.00 -1.09
CA MET B 383 -8.01 5.53 -1.27
C MET B 383 -8.38 5.63 -2.75
N ALA B 384 -7.38 5.77 -3.62
CA ALA B 384 -7.65 5.96 -5.03
C ALA B 384 -8.26 4.71 -5.66
N TYR B 385 -7.63 3.55 -5.46
CA TYR B 385 -8.11 2.31 -6.06
C TYR B 385 -9.13 1.57 -5.19
N ALA B 386 -9.81 2.28 -4.28
CA ALA B 386 -10.79 1.62 -3.42
C ALA B 386 -11.97 1.05 -4.21
N ALA B 387 -12.26 1.61 -5.39
CA ALA B 387 -13.35 1.11 -6.22
C ALA B 387 -12.96 -0.14 -7.01
N GLN B 388 -11.68 -0.48 -7.06
CA GLN B 388 -11.24 -1.67 -7.76
C GLN B 388 -11.64 -2.92 -7.00
N PRO B 389 -11.71 -4.07 -7.66
CA PRO B 389 -11.96 -5.32 -6.96
C PRO B 389 -10.90 -5.61 -5.90
N PHE B 390 -11.24 -6.49 -4.96
CA PHE B 390 -10.37 -6.74 -3.82
C PHE B 390 -8.98 -7.20 -4.25
N LEU B 391 -8.92 -8.16 -5.18
CA LEU B 391 -7.64 -8.68 -5.63
C LEU B 391 -6.82 -7.65 -6.39
N LEU B 392 -7.46 -6.59 -6.89
CA LEU B 392 -6.78 -5.53 -7.62
C LEU B 392 -6.50 -4.30 -6.77
N ARG B 393 -6.86 -4.33 -5.48
CA ARG B 393 -6.63 -3.20 -4.58
C ARG B 393 -5.19 -3.21 -4.09
N ASN B 394 -4.29 -2.92 -5.02
CA ASN B 394 -2.86 -2.85 -4.72
C ASN B 394 -2.19 -2.01 -5.80
N GLY B 395 -0.97 -1.59 -5.54
CA GLY B 395 -0.22 -0.83 -6.51
C GLY B 395 0.03 -1.63 -7.78
N ALA B 396 0.07 -0.92 -8.90
CA ALA B 396 0.31 -1.57 -10.19
C ALA B 396 1.62 -2.36 -10.21
N ASN B 397 2.58 -1.96 -9.38
CA ASN B 397 3.83 -2.69 -9.24
C ASN B 397 4.26 -2.62 -7.79
N GLU B 398 5.25 -3.44 -7.42
CA GLU B 398 5.70 -3.50 -6.04
C GLU B 398 6.44 -2.24 -5.62
N GLY B 399 6.74 -1.33 -6.55
CA GLY B 399 7.42 -0.10 -6.21
C GLY B 399 6.58 1.15 -6.37
N PHE B 400 5.34 1.01 -6.85
CA PHE B 400 4.52 2.18 -7.13
C PHE B 400 4.14 2.90 -5.84
N HIS B 401 3.76 2.18 -4.79
CA HIS B 401 3.43 2.80 -3.52
C HIS B 401 4.62 3.57 -2.96
N GLU B 402 5.80 2.94 -2.98
CA GLU B 402 6.99 3.61 -2.46
C GLU B 402 7.33 4.84 -3.28
N ALA B 403 7.16 4.78 -4.61
CA ALA B 403 7.46 5.93 -5.44
C ALA B 403 6.47 7.07 -5.18
N VAL B 404 5.19 6.74 -4.99
CA VAL B 404 4.19 7.76 -4.71
C VAL B 404 4.46 8.42 -3.37
N GLY B 405 4.93 7.64 -2.40
CA GLY B 405 5.32 8.24 -1.13
C GLY B 405 6.56 9.11 -1.24
N GLU B 406 7.55 8.66 -2.02
CA GLU B 406 8.81 9.37 -2.10
C GLU B 406 8.69 10.68 -2.87
N ILE B 407 7.82 10.72 -3.90
CA ILE B 407 7.65 11.96 -4.62
C ILE B 407 7.01 13.02 -3.73
N MET B 408 6.08 12.62 -2.87
CA MET B 408 5.49 13.57 -1.93
C MET B 408 6.51 13.99 -0.87
N SER B 409 7.34 13.05 -0.41
CA SER B 409 8.41 13.41 0.53
C SER B 409 9.38 14.41 -0.10
N LEU B 410 9.65 14.27 -1.40
CA LEU B 410 10.53 15.22 -2.08
C LEU B 410 9.87 16.58 -2.22
N SER B 411 8.60 16.60 -2.64
CA SER B 411 7.90 17.87 -2.83
C SER B 411 7.73 18.60 -1.50
N ALA B 412 7.66 17.87 -0.40
CA ALA B 412 7.50 18.51 0.91
C ALA B 412 8.81 19.10 1.41
N ALA B 413 9.94 18.46 1.07
CA ALA B 413 11.22 18.88 1.59
C ALA B 413 11.83 20.05 0.83
N THR B 414 11.16 20.56 -0.21
CA THR B 414 11.72 21.66 -0.97
C THR B 414 11.69 22.94 -0.13
N PRO B 415 12.72 23.78 -0.25
CA PRO B 415 12.70 25.05 0.51
C PRO B 415 11.56 25.96 0.12
N LYS B 416 11.08 25.88 -1.12
CA LYS B 416 9.93 26.69 -1.55
C LYS B 416 8.69 26.32 -0.76
N HIS B 417 8.43 25.02 -0.60
CA HIS B 417 7.27 24.58 0.18
C HIS B 417 7.41 24.98 1.65
N LEU B 418 8.63 24.91 2.19
CA LEU B 418 8.85 25.28 3.58
C LEU B 418 8.63 26.77 3.79
N LYS B 419 9.03 27.59 2.82
CA LYS B 419 8.74 29.02 2.90
C LYS B 419 7.25 29.31 2.72
N SER B 420 6.56 28.50 1.92
CA SER B 420 5.14 28.71 1.71
C SER B 420 4.34 28.37 2.97
N ILE B 421 4.69 27.26 3.64
CA ILE B 421 3.96 26.86 4.83
C ILE B 421 4.36 27.66 6.08
N GLY B 422 5.37 28.52 5.97
CA GLY B 422 5.72 29.38 7.08
C GLY B 422 6.73 28.82 8.05
N LEU B 423 7.58 27.89 7.61
CA LEU B 423 8.62 27.34 8.48
C LEU B 423 9.96 28.03 8.28
N LEU B 424 10.35 28.28 7.03
CA LEU B 424 11.56 29.03 6.74
C LEU B 424 11.25 30.52 6.66
N SER B 425 12.27 31.33 6.93
CA SER B 425 12.10 32.76 6.89
C SER B 425 11.79 33.20 5.45
N PRO B 426 10.90 34.17 5.26
CA PRO B 426 10.61 34.64 3.88
C PRO B 426 11.80 35.31 3.20
N ASP B 427 12.76 35.81 3.98
CA ASP B 427 13.96 36.42 3.42
C ASP B 427 15.09 35.42 3.20
N PHE B 428 14.85 34.14 3.45
CA PHE B 428 15.89 33.13 3.28
C PHE B 428 16.20 32.95 1.80
N GLN B 429 17.47 33.10 1.44
CA GLN B 429 17.93 32.95 0.07
C GLN B 429 18.51 31.55 -0.09
N GLU B 430 18.23 30.92 -1.23
CA GLU B 430 18.72 29.57 -1.51
C GLU B 430 20.03 29.67 -2.28
N ASP B 431 21.14 29.54 -1.56
CA ASP B 431 22.46 29.63 -2.19
C ASP B 431 22.80 28.31 -2.88
N ASN B 432 23.86 28.35 -3.69
CA ASN B 432 24.26 27.18 -4.46
C ASN B 432 24.80 26.07 -3.56
N GLU B 433 25.53 26.45 -2.51
CA GLU B 433 26.17 25.46 -1.65
C GLU B 433 25.15 24.65 -0.85
N THR B 434 24.07 25.27 -0.39
CA THR B 434 23.02 24.53 0.29
C THR B 434 22.37 23.53 -0.67
N GLU B 435 22.14 23.94 -1.92
CA GLU B 435 21.59 23.02 -2.91
C GLU B 435 22.53 21.86 -3.17
N ILE B 436 23.84 22.13 -3.23
CA ILE B 436 24.81 21.06 -3.46
C ILE B 436 24.83 20.10 -2.28
N ASN B 437 24.76 20.62 -1.05
CA ASN B 437 24.73 19.75 0.12
C ASN B 437 23.47 18.89 0.13
N PHE B 438 22.32 19.48 -0.21
CA PHE B 438 21.08 18.73 -0.26
C PHE B 438 21.15 17.64 -1.33
N LEU B 439 21.69 17.96 -2.50
CA LEU B 439 21.81 16.98 -3.57
C LEU B 439 22.77 15.86 -3.17
N LEU B 440 23.85 16.19 -2.48
CA LEU B 440 24.79 15.16 -2.06
C LEU B 440 24.18 14.24 -1.00
N LYS B 441 23.39 14.81 -0.08
CA LYS B 441 22.69 13.97 0.90
C LYS B 441 21.67 13.06 0.22
N GLN B 442 20.88 13.61 -0.70
CA GLN B 442 19.92 12.80 -1.44
C GLN B 442 20.63 11.72 -2.25
N ALA B 443 21.82 12.04 -2.77
CA ALA B 443 22.59 11.05 -3.51
C ALA B 443 23.05 9.91 -2.61
N LEU B 444 23.69 10.25 -1.49
CA LEU B 444 24.11 9.22 -0.54
C LEU B 444 22.92 8.38 -0.06
N THR B 445 21.73 8.96 -0.06
CA THR B 445 20.55 8.20 0.36
C THR B 445 20.04 7.28 -0.75
N ILE B 446 20.00 7.77 -1.98
CA ILE B 446 19.28 7.09 -3.05
C ILE B 446 20.22 6.34 -4.00
N VAL B 447 21.22 7.03 -4.54
CA VAL B 447 22.08 6.40 -5.54
C VAL B 447 23.03 5.41 -4.88
N GLY B 448 23.30 5.59 -3.59
CA GLY B 448 24.22 4.69 -2.90
C GLY B 448 23.69 3.28 -2.75
N THR B 449 22.37 3.13 -2.68
CA THR B 449 21.78 1.81 -2.49
C THR B 449 21.45 1.10 -3.80
N LEU B 450 21.57 1.79 -4.94
CA LEU B 450 21.26 1.16 -6.22
C LEU B 450 22.26 0.07 -6.60
N PRO B 451 23.59 0.29 -6.54
CA PRO B 451 24.50 -0.83 -6.83
C PRO B 451 24.37 -1.97 -5.83
N PHE B 452 24.16 -1.66 -4.55
CA PHE B 452 23.97 -2.71 -3.56
C PHE B 452 22.74 -3.54 -3.85
N THR B 453 21.61 -2.88 -4.14
CA THR B 453 20.39 -3.60 -4.49
C THR B 453 20.58 -4.44 -5.74
N TYR B 454 21.22 -3.86 -6.77
CA TYR B 454 21.47 -4.59 -8.01
C TYR B 454 22.30 -5.83 -7.75
N MET B 455 23.40 -5.69 -7.01
CA MET B 455 24.30 -6.82 -6.77
C MET B 455 23.60 -7.90 -5.93
N LEU B 456 22.87 -7.49 -4.89
CA LEU B 456 22.18 -8.47 -4.05
C LEU B 456 21.14 -9.24 -4.85
N GLU B 457 20.32 -8.52 -5.62
CA GLU B 457 19.27 -9.18 -6.39
C GLU B 457 19.86 -10.07 -7.47
N LYS B 458 20.94 -9.64 -8.12
CA LYS B 458 21.57 -10.46 -9.14
C LYS B 458 22.19 -11.72 -8.54
N TRP B 459 22.80 -11.59 -7.36
CA TRP B 459 23.36 -12.76 -6.69
C TRP B 459 22.26 -13.75 -6.32
N ARG B 460 21.15 -13.26 -5.77
CA ARG B 460 20.05 -14.16 -5.41
C ARG B 460 19.47 -14.83 -6.65
N TRP B 461 19.34 -14.07 -7.74
CA TRP B 461 18.80 -14.63 -8.98
C TRP B 461 19.71 -15.71 -9.53
N MET B 462 21.03 -15.46 -9.55
CA MET B 462 21.95 -16.45 -10.11
C MET B 462 22.10 -17.66 -9.18
N VAL B 463 21.89 -17.49 -7.88
CA VAL B 463 21.89 -18.63 -6.98
C VAL B 463 20.64 -19.48 -7.21
N PHE B 464 19.49 -18.83 -7.42
CA PHE B 464 18.27 -19.57 -7.68
C PHE B 464 18.33 -20.28 -9.03
N LYS B 465 18.97 -19.67 -10.03
CA LYS B 465 19.05 -20.27 -11.35
C LYS B 465 20.05 -21.41 -11.40
N GLY B 466 20.94 -21.53 -10.42
CA GLY B 466 21.90 -22.61 -10.41
C GLY B 466 23.24 -22.26 -11.02
N GLU B 467 23.51 -20.99 -11.28
CA GLU B 467 24.81 -20.60 -11.80
C GLU B 467 25.91 -20.77 -10.76
N ILE B 468 25.58 -20.61 -9.48
CA ILE B 468 26.51 -20.75 -8.36
C ILE B 468 25.96 -21.85 -7.45
N PRO B 469 26.09 -23.13 -7.82
CA PRO B 469 25.34 -24.18 -7.11
C PRO B 469 25.66 -24.31 -5.63
N LYS B 470 26.90 -24.67 -5.28
CA LYS B 470 27.21 -24.93 -3.87
C LYS B 470 28.48 -24.28 -3.36
N ASP B 471 29.53 -24.24 -4.18
CA ASP B 471 30.88 -24.05 -3.65
C ASP B 471 31.50 -22.72 -4.04
N GLN B 472 30.71 -21.78 -4.56
CA GLN B 472 31.24 -20.48 -4.93
C GLN B 472 30.38 -19.33 -4.46
N TRP B 473 29.47 -19.53 -3.51
CA TRP B 473 28.54 -18.47 -3.12
C TRP B 473 29.28 -17.24 -2.61
N MET B 474 30.07 -17.39 -1.55
CA MET B 474 30.77 -16.25 -0.97
C MET B 474 31.79 -15.66 -1.93
N LYS B 475 32.50 -16.51 -2.67
CA LYS B 475 33.52 -16.05 -3.61
C LYS B 475 32.91 -15.15 -4.68
N LYS B 476 31.87 -15.65 -5.36
CA LYS B 476 31.22 -14.85 -6.40
C LYS B 476 30.47 -13.66 -5.82
N TRP B 477 30.00 -13.77 -4.58
CA TRP B 477 29.38 -12.62 -3.93
C TRP B 477 30.38 -11.49 -3.77
N TRP B 478 31.56 -11.78 -3.23
CA TRP B 478 32.58 -10.76 -3.07
C TRP B 478 33.10 -10.26 -4.41
N GLU B 479 33.19 -11.15 -5.41
CA GLU B 479 33.63 -10.71 -6.73
C GLU B 479 32.64 -9.72 -7.33
N MET B 480 31.35 -10.06 -7.30
CA MET B 480 30.33 -9.16 -7.81
C MET B 480 30.29 -7.85 -7.02
N LYS B 481 30.51 -7.93 -5.71
CA LYS B 481 30.51 -6.71 -4.90
C LYS B 481 31.66 -5.80 -5.29
N ARG B 482 32.85 -6.37 -5.46
CA ARG B 482 33.99 -5.57 -5.92
C ARG B 482 33.75 -4.98 -7.30
N GLU B 483 33.13 -5.75 -8.19
CA GLU B 483 32.99 -5.31 -9.57
C GLU B 483 31.87 -4.29 -9.73
N ILE B 484 30.87 -4.33 -8.86
CA ILE B 484 29.70 -3.49 -9.00
C ILE B 484 29.70 -2.35 -8.00
N VAL B 485 29.69 -2.67 -6.70
CA VAL B 485 29.59 -1.66 -5.66
C VAL B 485 30.94 -1.05 -5.31
N GLY B 486 32.04 -1.73 -5.60
CA GLY B 486 33.35 -1.24 -5.23
C GLY B 486 33.66 -1.38 -3.76
N VAL B 487 33.29 -2.53 -3.17
CA VAL B 487 33.50 -2.80 -1.76
C VAL B 487 34.45 -3.98 -1.63
N VAL B 488 35.52 -3.78 -0.87
CA VAL B 488 36.53 -4.81 -0.66
C VAL B 488 36.35 -5.40 0.74
N GLU B 489 36.74 -6.66 0.88
CA GLU B 489 36.61 -7.32 2.17
C GLU B 489 37.78 -6.91 3.08
N PRO B 490 37.49 -6.43 4.29
CA PRO B 490 38.58 -6.17 5.24
C PRO B 490 39.13 -7.44 5.88
N VAL B 491 38.37 -8.52 5.88
CA VAL B 491 38.83 -9.81 6.39
C VAL B 491 38.51 -10.87 5.34
N PRO B 492 39.47 -11.72 4.96
CA PRO B 492 39.18 -12.73 3.93
C PRO B 492 38.24 -13.81 4.42
N HIS B 493 37.00 -13.79 3.93
CA HIS B 493 36.01 -14.77 4.35
C HIS B 493 36.09 -16.01 3.45
N ASP B 494 35.99 -17.18 4.06
CA ASP B 494 36.00 -18.43 3.32
C ASP B 494 34.59 -18.83 2.92
N GLU B 495 34.46 -20.07 2.43
CA GLU B 495 33.19 -20.59 1.94
C GLU B 495 32.17 -20.84 3.05
N THR B 496 32.58 -20.99 4.31
CA THR B 496 31.64 -21.24 5.40
C THR B 496 30.81 -20.01 5.77
N TYR B 497 31.31 -18.82 5.48
CA TYR B 497 30.56 -17.61 5.77
C TYR B 497 29.46 -17.39 4.74
N CYS B 498 28.51 -16.53 5.09
CA CYS B 498 27.38 -16.22 4.20
C CYS B 498 26.98 -14.76 4.46
N ASP B 499 27.45 -13.87 3.58
CA ASP B 499 27.12 -12.46 3.72
C ASP B 499 25.66 -12.14 3.43
N PRO B 500 25.04 -12.62 2.34
CA PRO B 500 23.64 -12.23 2.09
C PRO B 500 22.67 -12.62 3.19
N ALA B 501 22.91 -13.73 3.87
CA ALA B 501 22.02 -14.17 4.95
C ALA B 501 21.96 -13.17 6.10
N SER B 502 22.96 -12.29 6.22
CA SER B 502 22.95 -11.30 7.27
C SER B 502 21.91 -10.21 7.05
N LEU B 503 21.42 -10.05 5.83
CA LEU B 503 20.45 -9.02 5.53
C LEU B 503 19.05 -9.44 5.99
N PHE B 504 18.26 -8.45 6.41
CA PHE B 504 16.91 -8.72 6.86
C PHE B 504 16.04 -9.28 5.75
N HIS B 505 16.09 -8.64 4.57
CA HIS B 505 15.22 -9.05 3.48
C HIS B 505 15.58 -10.44 2.96
N VAL B 506 16.87 -10.78 2.96
CA VAL B 506 17.29 -12.08 2.47
C VAL B 506 16.99 -13.17 3.48
N SER B 507 17.14 -12.87 4.77
CA SER B 507 16.87 -13.85 5.81
C SER B 507 15.39 -14.03 6.10
N ASN B 508 14.55 -13.08 5.69
CA ASN B 508 13.12 -13.15 5.92
C ASN B 508 12.32 -13.36 4.64
N ASP B 509 12.98 -13.75 3.55
CA ASP B 509 12.33 -14.10 2.29
C ASP B 509 11.50 -12.93 1.74
N TYR B 510 12.19 -11.85 1.40
CA TYR B 510 11.58 -10.68 0.80
C TYR B 510 12.33 -10.29 -0.48
N SER B 511 11.57 -9.75 -1.44
CA SER B 511 12.18 -9.28 -2.68
C SER B 511 12.99 -8.01 -2.42
N PHE B 512 13.92 -7.72 -3.32
CA PHE B 512 14.80 -6.57 -3.17
C PHE B 512 14.83 -5.65 -4.38
N ILE B 513 14.46 -6.15 -5.57
CA ILE B 513 14.45 -5.30 -6.76
C ILE B 513 13.35 -4.25 -6.68
N ARG B 514 12.40 -4.42 -5.75
CA ARG B 514 11.37 -3.41 -5.54
C ARG B 514 11.99 -2.05 -5.24
N TYR B 515 13.11 -2.01 -4.53
CA TYR B 515 13.74 -0.74 -4.17
C TYR B 515 14.36 -0.07 -5.40
N TYR B 516 15.03 -0.83 -6.25
CA TYR B 516 15.55 -0.28 -7.50
C TYR B 516 14.43 0.26 -8.38
N THR B 517 13.35 -0.52 -8.52
CA THR B 517 12.24 -0.10 -9.36
C THR B 517 11.56 1.14 -8.80
N ARG B 518 11.34 1.21 -7.48
CA ARG B 518 10.72 2.38 -6.91
C ARG B 518 11.64 3.59 -6.99
N THR B 519 12.95 3.38 -6.89
CA THR B 519 13.89 4.49 -7.08
C THR B 519 13.76 5.08 -8.47
N LEU B 520 13.70 4.23 -9.49
CA LEU B 520 13.54 4.75 -10.86
C LEU B 520 12.18 5.42 -11.03
N TYR B 521 11.12 4.78 -10.55
CA TYR B 521 9.77 5.31 -10.74
C TYR B 521 9.57 6.62 -9.99
N GLN B 522 10.25 6.79 -8.86
CA GLN B 522 10.16 8.02 -8.09
C GLN B 522 10.59 9.22 -8.93
N PHE B 523 11.78 9.15 -9.51
CA PHE B 523 12.27 10.25 -10.33
C PHE B 523 11.51 10.38 -11.63
N GLN B 524 11.04 9.26 -12.21
CA GLN B 524 10.20 9.38 -13.40
C GLN B 524 8.91 10.14 -13.11
N PHE B 525 8.22 9.77 -12.03
CA PHE B 525 7.00 10.46 -11.64
C PHE B 525 7.28 11.92 -11.29
N GLN B 526 8.42 12.18 -10.66
CA GLN B 526 8.78 13.55 -10.32
C GLN B 526 8.97 14.39 -11.58
N GLU B 527 9.71 13.86 -12.55
CA GLU B 527 9.90 14.58 -13.82
C GLU B 527 8.56 14.82 -14.50
N ALA B 528 7.70 13.81 -14.53
CA ALA B 528 6.41 13.95 -15.19
C ALA B 528 5.55 15.02 -14.52
N LEU B 529 5.48 15.00 -13.18
CA LEU B 529 4.63 15.95 -12.47
C LEU B 529 5.21 17.35 -12.51
N CYS B 530 6.54 17.49 -12.57
CA CYS B 530 7.13 18.81 -12.66
C CYS B 530 6.99 19.40 -14.06
N GLN B 531 6.96 18.55 -15.08
CA GLN B 531 6.61 19.03 -16.41
C GLN B 531 5.13 19.41 -16.49
N ALA B 532 4.27 18.63 -15.83
CA ALA B 532 2.85 18.95 -15.80
C ALA B 532 2.58 20.22 -15.00
N ALA B 533 3.38 20.50 -13.99
CA ALA B 533 3.24 21.73 -13.22
C ALA B 533 3.97 22.91 -13.84
N LYS B 534 4.63 22.71 -14.98
CA LYS B 534 5.35 23.77 -15.69
C LYS B 534 6.41 24.42 -14.78
N HIS B 535 7.32 23.58 -14.28
CA HIS B 535 8.39 24.07 -13.42
C HIS B 535 9.58 24.51 -14.25
N GLU B 536 10.09 25.70 -13.96
CA GLU B 536 11.26 26.25 -14.62
C GLU B 536 12.43 26.25 -13.65
N GLY B 537 13.50 25.56 -14.00
CA GLY B 537 14.68 25.49 -13.17
C GLY B 537 15.13 24.06 -12.91
N PRO B 538 15.99 23.88 -11.91
CA PRO B 538 16.43 22.52 -11.56
C PRO B 538 15.26 21.67 -11.07
N LEU B 539 15.45 20.35 -11.13
CA LEU B 539 14.38 19.43 -10.76
C LEU B 539 14.22 19.35 -9.25
N HIS B 540 15.29 19.59 -8.48
CA HIS B 540 15.19 19.51 -7.03
C HIS B 540 14.46 20.70 -6.43
N LYS B 541 14.33 21.81 -7.17
CA LYS B 541 13.57 22.95 -6.71
C LYS B 541 12.09 22.87 -7.05
N CYS B 542 11.65 21.76 -7.66
CA CYS B 542 10.29 21.65 -8.13
C CYS B 542 9.34 21.35 -6.98
N ASP B 543 8.20 22.05 -6.96
CA ASP B 543 7.14 21.82 -6.00
C ASP B 543 5.83 21.69 -6.77
N ILE B 544 5.12 20.58 -6.54
CA ILE B 544 3.90 20.29 -7.28
C ILE B 544 2.69 20.84 -6.54
N SER B 545 2.94 21.70 -5.55
CA SER B 545 1.85 22.28 -4.78
C SER B 545 1.03 23.23 -5.66
N ASN B 546 -0.27 23.30 -5.35
CA ASN B 546 -1.20 24.18 -6.06
C ASN B 546 -1.25 23.85 -7.55
N SER B 547 -0.95 22.60 -7.92
CA SER B 547 -0.96 22.17 -9.31
C SER B 547 -1.98 21.06 -9.46
N THR B 548 -3.19 21.42 -9.94
CA THR B 548 -4.23 20.43 -10.13
C THR B 548 -3.96 19.53 -11.33
N GLU B 549 -3.18 20.00 -12.31
CA GLU B 549 -2.88 19.18 -13.48
C GLU B 549 -2.03 17.97 -13.08
N ALA B 550 -0.98 18.19 -12.31
CA ALA B 550 -0.14 17.08 -11.84
C ALA B 550 -0.94 16.14 -10.94
N GLY B 551 -1.81 16.70 -10.09
CA GLY B 551 -2.64 15.88 -9.25
C GLY B 551 -3.58 14.98 -10.03
N GLN B 552 -4.23 15.53 -11.07
CA GLN B 552 -5.11 14.71 -11.88
C GLN B 552 -4.33 13.68 -12.69
N LYS B 553 -3.17 14.06 -13.20
CA LYS B 553 -2.35 13.13 -13.98
C LYS B 553 -1.87 11.98 -13.10
N LEU B 554 -1.62 12.25 -11.81
CA LEU B 554 -1.22 11.19 -10.90
C LEU B 554 -2.41 10.34 -10.48
N PHE B 555 -3.57 10.98 -10.25
CA PHE B 555 -4.76 10.25 -9.84
C PHE B 555 -5.25 9.32 -10.94
N ASN B 556 -4.99 9.68 -12.20
CA ASN B 556 -5.35 8.79 -13.30
C ASN B 556 -4.64 7.44 -13.18
N MET B 557 -3.44 7.45 -12.58
CA MET B 557 -2.72 6.20 -12.37
C MET B 557 -3.06 5.57 -11.03
N LEU B 558 -3.25 6.38 -10.00
CA LEU B 558 -3.49 5.86 -8.66
C LEU B 558 -4.81 5.09 -8.59
N ARG B 559 -5.80 5.48 -9.40
CA ARG B 559 -7.09 4.83 -9.37
C ARG B 559 -7.08 3.49 -10.10
N LEU B 560 -6.05 3.21 -10.90
CA LEU B 560 -6.05 1.98 -11.69
C LEU B 560 -5.80 0.77 -10.81
N GLY B 561 -4.72 0.77 -10.04
CA GLY B 561 -4.38 -0.41 -9.28
C GLY B 561 -3.78 -1.48 -10.18
N LYS B 562 -4.05 -2.74 -9.84
CA LYS B 562 -3.58 -3.85 -10.66
C LYS B 562 -4.58 -4.25 -11.74
N SER B 563 -5.62 -3.43 -11.99
CA SER B 563 -6.57 -3.74 -13.03
C SER B 563 -5.94 -3.64 -14.42
N GLU B 564 -4.95 -2.77 -14.58
CA GLU B 564 -4.24 -2.59 -15.83
C GLU B 564 -2.75 -2.81 -15.63
N PRO B 565 -2.03 -3.20 -16.68
CA PRO B 565 -0.58 -3.43 -16.53
C PRO B 565 0.15 -2.17 -16.10
N TRP B 566 1.25 -2.37 -15.38
CA TRP B 566 2.02 -1.24 -14.88
C TRP B 566 2.65 -0.43 -16.01
N THR B 567 2.86 -1.06 -17.16
CA THR B 567 3.40 -0.33 -18.31
C THR B 567 2.40 0.73 -18.80
N LEU B 568 1.11 0.40 -18.81
CA LEU B 568 0.11 1.36 -19.23
C LEU B 568 0.02 2.53 -18.24
N ALA B 569 0.10 2.24 -16.94
CA ALA B 569 0.10 3.31 -15.95
C ALA B 569 1.34 4.19 -16.08
N LEU B 570 2.50 3.57 -16.32
CA LEU B 570 3.73 4.34 -16.50
C LEU B 570 3.64 5.21 -17.75
N GLU B 571 3.00 4.72 -18.81
CA GLU B 571 2.81 5.55 -19.99
C GLU B 571 1.82 6.67 -19.73
N ASN B 572 0.81 6.41 -18.90
CA ASN B 572 -0.15 7.47 -18.55
C ASN B 572 0.52 8.56 -17.74
N VAL B 573 1.48 8.21 -16.90
CA VAL B 573 2.16 9.20 -16.06
C VAL B 573 3.29 9.90 -16.81
N VAL B 574 4.30 9.16 -17.24
CA VAL B 574 5.52 9.74 -17.79
C VAL B 574 5.59 9.61 -19.31
N GLY B 575 4.71 8.85 -19.92
CA GLY B 575 4.77 8.68 -21.37
C GLY B 575 5.74 7.62 -21.84
N ALA B 576 6.08 6.65 -20.99
CA ALA B 576 6.99 5.58 -21.35
C ALA B 576 6.49 4.28 -20.74
N LYS B 577 6.78 3.17 -21.42
CA LYS B 577 6.33 1.86 -20.99
C LYS B 577 7.43 1.05 -20.32
N ASN B 578 8.57 1.66 -20.00
CA ASN B 578 9.68 0.95 -19.38
C ASN B 578 10.39 1.89 -18.41
N MET B 579 11.28 1.31 -17.60
CA MET B 579 12.05 2.09 -16.64
C MET B 579 13.04 2.98 -17.35
N ASN B 580 12.95 4.29 -17.11
CA ASN B 580 13.84 5.28 -17.70
C ASN B 580 14.64 5.94 -16.59
N VAL B 581 15.97 5.83 -16.66
CA VAL B 581 16.84 6.41 -15.65
C VAL B 581 17.22 7.84 -15.97
N ARG B 582 16.83 8.37 -17.12
CA ARG B 582 17.15 9.75 -17.46
C ARG B 582 16.59 10.78 -16.48
N PRO B 583 15.39 10.62 -15.90
CA PRO B 583 14.96 11.60 -14.88
C PRO B 583 15.88 11.66 -13.67
N LEU B 584 16.42 10.53 -13.22
CA LEU B 584 17.35 10.54 -12.09
C LEU B 584 18.62 11.31 -12.45
N LEU B 585 19.14 11.10 -13.66
CA LEU B 585 20.32 11.83 -14.09
C LEU B 585 20.02 13.32 -14.23
N ASN B 586 18.84 13.68 -14.71
CA ASN B 586 18.47 15.10 -14.78
C ASN B 586 18.37 15.69 -13.38
N TYR B 587 17.89 14.90 -12.41
CA TYR B 587 17.79 15.37 -11.04
C TYR B 587 19.16 15.63 -10.44
N PHE B 588 20.11 14.72 -10.68
CA PHE B 588 21.43 14.82 -10.08
C PHE B 588 22.46 15.49 -10.99
N GLU B 589 22.02 16.07 -12.12
CA GLU B 589 22.96 16.76 -13.02
C GLU B 589 23.78 17.86 -12.35
N PRO B 590 23.22 18.75 -11.51
CA PRO B 590 24.09 19.73 -10.84
C PRO B 590 25.15 19.09 -9.95
N LEU B 591 24.75 18.08 -9.17
CA LEU B 591 25.72 17.37 -8.35
C LEU B 591 26.74 16.64 -9.21
N PHE B 592 26.32 16.12 -10.36
CA PHE B 592 27.25 15.46 -11.26
C PHE B 592 28.27 16.45 -11.80
N THR B 593 27.81 17.64 -12.19
CA THR B 593 28.72 18.66 -12.69
C THR B 593 29.71 19.09 -11.61
N TRP B 594 29.24 19.19 -10.37
CA TRP B 594 30.14 19.57 -9.28
C TRP B 594 31.14 18.46 -8.99
N LEU B 595 30.69 17.21 -8.99
CA LEU B 595 31.59 16.10 -8.70
C LEU B 595 32.63 15.91 -9.80
N LYS B 596 32.28 16.25 -11.05
CA LYS B 596 33.26 16.20 -12.12
C LYS B 596 34.41 17.16 -11.84
N ASP B 597 34.09 18.41 -11.48
CA ASP B 597 35.15 19.37 -11.18
C ASP B 597 35.90 18.99 -9.92
N GLN B 598 35.24 18.35 -8.96
CA GLN B 598 35.92 17.94 -7.74
C GLN B 598 36.91 16.80 -8.00
N ASN B 599 36.52 15.83 -8.84
CA ASN B 599 37.36 14.69 -9.13
C ASN B 599 38.30 14.90 -10.31
N LYS B 600 38.24 16.07 -10.96
CA LYS B 600 39.19 16.37 -12.03
C LYS B 600 40.63 16.16 -11.58
N ASN B 601 40.94 16.52 -10.34
CA ASN B 601 42.29 16.37 -9.80
C ASN B 601 42.45 15.09 -8.98
N SER B 602 41.61 14.09 -9.24
CA SER B 602 41.67 12.83 -8.51
C SER B 602 41.43 11.67 -9.47
N PHE B 603 41.74 10.47 -9.00
CA PHE B 603 41.53 9.28 -9.81
C PHE B 603 40.07 8.82 -9.75
N VAL B 604 39.56 8.35 -10.87
CA VAL B 604 38.19 7.87 -10.98
C VAL B 604 38.21 6.38 -11.27
N GLY B 605 37.34 5.64 -10.59
CA GLY B 605 37.29 4.19 -10.73
C GLY B 605 37.94 3.48 -9.56
N TRP B 606 37.79 2.16 -9.54
CA TRP B 606 38.33 1.33 -8.48
C TRP B 606 38.84 0.02 -9.06
N SER B 607 39.97 -0.44 -8.53
CA SER B 607 40.54 -1.71 -8.97
C SER B 607 40.04 -2.85 -8.10
N THR B 608 39.88 -4.02 -8.72
CA THR B 608 39.28 -5.18 -8.06
C THR B 608 40.28 -5.98 -7.23
N ASP B 609 41.54 -5.53 -7.13
CA ASP B 609 42.57 -6.24 -6.38
C ASP B 609 43.07 -5.35 -5.25
N TRP B 610 42.94 -5.84 -4.01
CA TRP B 610 43.43 -5.11 -2.85
C TRP B 610 43.73 -6.08 -1.72
N SER B 611 43.96 -5.55 -0.52
CA SER B 611 44.27 -6.41 0.62
C SER B 611 43.04 -7.24 1.00
N PRO B 612 43.22 -8.53 1.34
CA PRO B 612 42.10 -9.40 1.69
C PRO B 612 41.46 -9.05 3.03
#